data_8ZBG
#
_entry.id   8ZBG
#
_cell.length_a   46.230
_cell.length_b   101.160
_cell.length_c   148.850
_cell.angle_alpha   90.000
_cell.angle_beta   90.000
_cell.angle_gamma   90.000
#
_symmetry.space_group_name_H-M   'P 21 21 21'
#
loop_
_entity.id
_entity.type
_entity.pdbx_description
1 polymer 'Transcriptional enhancer factor TEF-5'
2 non-polymer (2~{R})-2-fluoranyl-1-[7-[4-(trifluoromethyl)phenyl]-3,4-dihydro-1~{H}-isoquinolin-2-yl]propan-1-one
3 water water
#
_entity_poly.entity_id   1
_entity_poly.type   'polypeptide(L)'
_entity_poly.pdbx_seq_one_letter_code
;SQDRTIASSRLRLLEYSAFMEVQRDPDTYSKHLFVHIGQTNPAFSDPPLEAVDVRQIYDKFPEKKGGLKELYEKGPPNAF
FLVKFWADLNSTIQEGPGAFYGVSSQYSSADSMTISVSTKVCSFGKQVVEKVETEYARLENGRFVYRIHRSPMCEYMINF
IHKLKHLPEKYMMNSVLENFTILQVVTSRDSQETLLVIAFVFEVSTSEHGAQHHVYKLVKD
;
_entity_poly.pdbx_strand_id   A,B,C
#
# COMPACT_ATOMS: atom_id res chain seq x y z
N ASP A 3 -26.71 -12.04 32.42
CA ASP A 3 -27.38 -10.86 32.91
C ASP A 3 -27.83 -10.17 31.67
N ARG A 4 -28.52 -10.92 30.82
CA ARG A 4 -28.97 -10.37 29.55
C ARG A 4 -27.76 -10.27 28.64
N THR A 5 -26.69 -10.95 29.00
CA THR A 5 -25.48 -10.92 28.22
C THR A 5 -25.16 -12.34 27.82
N ILE A 6 -24.66 -12.52 26.60
CA ILE A 6 -24.31 -13.83 26.16
C ILE A 6 -22.94 -14.03 26.73
N ALA A 7 -22.91 -14.20 28.03
CA ALA A 7 -21.63 -14.36 28.70
C ALA A 7 -21.44 -15.53 29.65
N SER A 8 -20.37 -16.27 29.49
CA SER A 8 -20.00 -17.27 30.45
C SER A 8 -19.29 -16.58 31.56
N SER A 9 -19.11 -17.24 32.68
CA SER A 9 -18.29 -16.66 33.72
C SER A 9 -16.89 -16.34 33.20
N ARG A 10 -16.51 -16.87 32.04
CA ARG A 10 -15.19 -16.66 31.49
C ARG A 10 -15.15 -15.78 30.25
N LEU A 11 -16.22 -15.73 29.47
CA LEU A 11 -16.10 -15.11 28.16
C LEU A 11 -17.44 -14.50 27.80
N ARG A 12 -17.40 -13.34 27.17
CA ARG A 12 -18.59 -12.62 26.77
C ARG A 12 -18.50 -12.34 25.28
N LEU A 13 -19.56 -12.65 24.54
CA LEU A 13 -19.63 -12.29 23.13
C LEU A 13 -20.07 -10.83 23.05
N LEU A 14 -19.18 -9.94 22.62
CA LEU A 14 -19.58 -8.54 22.56
C LEU A 14 -20.32 -8.17 21.28
N GLU A 15 -19.84 -8.63 20.12
CA GLU A 15 -20.46 -8.23 18.86
C GLU A 15 -20.39 -9.39 17.87
N TYR A 16 -21.38 -9.46 16.98
CA TYR A 16 -21.44 -10.49 15.95
C TYR A 16 -22.11 -9.92 14.70
N SER A 17 -21.42 -10.01 13.55
CA SER A 17 -21.94 -9.52 12.29
C SER A 17 -21.57 -10.46 11.16
N ALA A 18 -22.55 -10.78 10.34
CA ALA A 18 -22.34 -11.43 9.06
C ALA A 18 -22.83 -10.47 8.00
N PHE A 19 -21.97 -10.19 7.01
CA PHE A 19 -22.19 -9.05 6.12
C PHE A 19 -21.66 -9.33 4.72
N MET A 20 -22.08 -8.45 3.80
CA MET A 20 -21.59 -8.39 2.43
C MET A 20 -21.16 -6.96 2.14
N GLU A 21 -19.97 -6.80 1.59
CA GLU A 21 -19.40 -5.48 1.33
C GLU A 21 -19.09 -5.37 -0.16
N VAL A 22 -19.49 -4.25 -0.75
CA VAL A 22 -19.24 -3.97 -2.16
C VAL A 22 -18.54 -2.62 -2.28
N GLN A 23 -17.66 -2.49 -3.24
CA GLN A 23 -17.02 -1.21 -3.47
C GLN A 23 -17.69 -0.54 -4.62
N ARG A 24 -18.30 0.59 -4.36
CA ARG A 24 -19.04 1.28 -5.42
C ARG A 24 -18.11 2.11 -6.29
N ASP A 25 -17.03 2.62 -5.72
CA ASP A 25 -16.05 3.43 -6.45
C ASP A 25 -14.76 3.42 -5.63
N PRO A 26 -13.68 4.00 -6.16
CA PRO A 26 -12.39 3.85 -5.42
C PRO A 26 -12.42 4.32 -3.97
N ASP A 27 -13.20 5.35 -3.64
CA ASP A 27 -13.24 5.81 -2.27
C ASP A 27 -14.37 5.18 -1.46
N THR A 28 -15.38 4.64 -2.12
CA THR A 28 -16.67 4.39 -1.49
C THR A 28 -16.95 2.90 -1.39
N TYR A 29 -17.27 2.46 -0.18
CA TYR A 29 -17.69 1.08 0.08
C TYR A 29 -19.12 1.05 0.65
N SER A 30 -19.89 0.04 0.25
CA SER A 30 -21.21 -0.20 0.83
C SER A 30 -21.24 -1.55 1.51
N LYS A 31 -21.81 -1.60 2.71
CA LYS A 31 -21.90 -2.85 3.45
C LYS A 31 -23.35 -3.11 3.84
N HIS A 32 -23.79 -4.34 3.64
CA HIS A 32 -25.08 -4.77 4.11
C HIS A 32 -24.87 -5.85 5.17
N LEU A 33 -25.56 -5.73 6.30
CA LEU A 33 -25.52 -6.75 7.34
C LEU A 33 -26.72 -7.69 7.24
N PHE A 34 -26.46 -8.99 7.18
CA PHE A 34 -27.53 -9.98 7.21
C PHE A 34 -28.03 -10.20 8.64
N VAL A 35 -27.10 -10.50 9.56
CA VAL A 35 -27.42 -10.72 10.97
C VAL A 35 -26.44 -9.91 11.81
N HIS A 36 -26.94 -9.43 12.94
CA HIS A 36 -26.14 -8.56 13.80
C HIS A 36 -26.44 -8.85 15.26
N ILE A 37 -25.40 -8.78 16.09
CA ILE A 37 -25.54 -8.62 17.53
C ILE A 37 -24.59 -7.50 17.94
N GLY A 38 -25.14 -6.41 18.48
CA GLY A 38 -24.35 -5.23 18.80
C GLY A 38 -24.04 -5.19 20.29
N GLN A 39 -22.85 -4.70 20.62
CA GLN A 39 -22.45 -4.61 22.01
C GLN A 39 -23.32 -3.58 22.74
N THR A 40 -24.04 -4.04 23.74
CA THR A 40 -24.81 -3.18 24.61
C THR A 40 -24.41 -3.46 26.05
N ASN A 41 -24.44 -2.43 26.89
CA ASN A 41 -24.13 -2.63 28.29
C ASN A 41 -25.39 -3.07 29.03
N PRO A 42 -25.26 -3.99 29.99
CA PRO A 42 -26.44 -4.44 30.73
C PRO A 42 -27.00 -3.32 31.60
N ALA A 43 -28.32 -3.23 31.64
CA ALA A 43 -29.01 -2.25 32.48
C ALA A 43 -29.63 -2.95 33.69
N PHE A 44 -29.63 -2.25 34.83
CA PHE A 44 -30.22 -2.84 36.04
C PHE A 44 -31.68 -3.18 35.83
N SER A 45 -32.37 -2.35 35.06
CA SER A 45 -33.80 -2.54 34.81
C SER A 45 -34.17 -3.61 33.82
N ASP A 46 -33.20 -4.33 33.28
CA ASP A 46 -33.51 -5.29 32.21
C ASP A 46 -34.00 -6.64 32.76
N PRO A 47 -34.93 -7.32 32.09
CA PRO A 47 -35.46 -8.55 32.64
C PRO A 47 -34.57 -9.72 32.25
N PRO A 48 -34.42 -10.72 33.15
CA PRO A 48 -33.61 -11.92 32.88
C PRO A 48 -33.98 -12.56 31.57
N LEU A 49 -33.00 -13.17 30.92
CA LEU A 49 -33.25 -13.89 29.68
C LEU A 49 -34.18 -15.06 29.93
N GLU A 50 -35.13 -15.24 29.02
CA GLU A 50 -36.00 -16.40 29.09
C GLU A 50 -35.20 -17.67 28.85
N ALA A 51 -35.77 -18.79 29.31
CA ALA A 51 -35.10 -20.07 29.26
C ALA A 51 -35.74 -20.92 28.16
N VAL A 52 -34.89 -21.60 27.41
CA VAL A 52 -35.28 -22.61 26.43
C VAL A 52 -34.58 -23.91 26.80
N ASP A 53 -35.37 -24.96 27.00
CA ASP A 53 -34.82 -26.29 27.30
C ASP A 53 -33.88 -26.75 26.19
N VAL A 54 -32.68 -27.18 26.59
CA VAL A 54 -31.71 -27.62 25.61
C VAL A 54 -32.17 -28.89 24.92
N ARG A 55 -32.94 -29.74 25.62
CA ARG A 55 -33.42 -30.97 25.00
C ARG A 55 -34.30 -30.68 23.79
N GLN A 56 -35.03 -29.57 23.80
CA GLN A 56 -35.93 -29.28 22.69
C GLN A 56 -35.18 -28.99 21.39
N ILE A 57 -33.94 -28.49 21.46
CA ILE A 57 -33.23 -28.15 20.23
C ILE A 57 -32.13 -29.13 19.89
N TYR A 58 -31.98 -30.23 20.64
CA TYR A 58 -30.99 -31.25 20.33
C TYR A 58 -31.06 -31.68 18.87
N ASP A 59 -32.26 -31.88 18.33
CA ASP A 59 -32.38 -32.43 16.99
C ASP A 59 -31.93 -31.46 15.91
N LYS A 60 -31.95 -30.15 16.17
CA LYS A 60 -31.56 -29.17 15.17
C LYS A 60 -30.04 -29.06 15.02
N PHE A 61 -29.31 -29.65 15.93
CA PHE A 61 -27.87 -29.64 15.83
C PHE A 61 -27.43 -31.09 15.90
N PRO A 62 -26.20 -31.37 15.49
CA PRO A 62 -25.78 -32.77 15.46
C PRO A 62 -25.73 -33.35 16.85
N GLU A 63 -26.07 -34.63 17.00
CA GLU A 63 -26.17 -35.22 18.34
C GLU A 63 -25.29 -36.41 18.33
N LYS A 64 -24.02 -36.20 18.54
CA LYS A 64 -23.05 -37.24 18.43
C LYS A 64 -21.99 -36.66 19.30
N LYS A 65 -20.89 -37.34 19.46
CA LYS A 65 -19.84 -36.74 20.21
C LYS A 65 -19.52 -35.46 19.50
N GLY A 66 -19.30 -34.40 20.27
CA GLY A 66 -19.14 -33.10 19.66
C GLY A 66 -20.51 -32.51 19.45
N GLY A 67 -21.53 -33.21 19.92
CA GLY A 67 -22.88 -32.71 19.79
C GLY A 67 -23.29 -31.81 20.92
N LEU A 68 -24.50 -31.30 20.87
CA LEU A 68 -24.90 -30.32 21.86
C LEU A 68 -25.13 -30.98 23.21
N LYS A 69 -25.71 -32.17 23.22
CA LYS A 69 -25.93 -32.89 24.47
C LYS A 69 -24.61 -33.16 25.19
N GLU A 70 -23.65 -33.77 24.49
CA GLU A 70 -22.36 -34.07 25.10
C GLU A 70 -21.69 -32.80 25.60
N LEU A 71 -21.69 -31.74 24.79
CA LEU A 71 -21.15 -30.47 25.27
C LEU A 71 -21.87 -30.03 26.52
N TYR A 72 -23.20 -30.00 26.48
CA TYR A 72 -23.96 -29.54 27.65
C TYR A 72 -23.70 -30.42 28.87
N GLU A 73 -23.47 -31.70 28.66
CA GLU A 73 -23.09 -32.55 29.78
C GLU A 73 -21.71 -32.14 30.33
N LYS A 74 -20.75 -31.88 29.44
CA LYS A 74 -19.43 -31.42 29.87
C LYS A 74 -19.53 -30.07 30.56
N GLY A 75 -20.53 -29.28 30.22
CA GLY A 75 -20.72 -27.97 30.81
C GLY A 75 -19.64 -27.04 30.32
N PRO A 76 -19.48 -25.87 30.98
CA PRO A 76 -20.35 -25.31 32.04
C PRO A 76 -21.69 -24.85 31.56
N PRO A 77 -22.74 -25.17 32.30
CA PRO A 77 -24.10 -24.95 31.79
C PRO A 77 -24.49 -23.49 31.71
N ASN A 78 -23.83 -22.61 32.48
CA ASN A 78 -24.07 -21.18 32.34
C ASN A 78 -23.42 -20.61 31.08
N ALA A 79 -22.71 -21.43 30.31
CA ALA A 79 -22.08 -20.97 29.07
C ALA A 79 -23.02 -21.05 27.86
N PHE A 80 -24.05 -21.87 27.91
CA PHE A 80 -24.84 -22.17 26.71
C PHE A 80 -26.00 -21.19 26.55
N PHE A 81 -26.10 -20.60 25.37
CA PHE A 81 -27.14 -19.62 25.05
C PHE A 81 -27.75 -19.97 23.69
N LEU A 82 -28.93 -19.42 23.43
CA LEU A 82 -29.56 -19.54 22.11
C LEU A 82 -29.87 -18.14 21.60
N VAL A 83 -29.57 -17.90 20.32
CA VAL A 83 -29.84 -16.61 19.69
C VAL A 83 -30.73 -16.85 18.47
N LYS A 84 -31.84 -16.14 18.40
CA LYS A 84 -32.73 -16.23 17.26
C LYS A 84 -32.54 -14.98 16.41
N PHE A 85 -32.05 -15.16 15.20
CA PHE A 85 -31.78 -14.03 14.33
C PHE A 85 -32.94 -13.81 13.36
N TRP A 86 -33.28 -12.54 13.15
CA TRP A 86 -34.14 -12.13 12.04
C TRP A 86 -33.24 -11.48 11.00
N ALA A 87 -33.02 -12.15 9.88
CA ALA A 87 -32.01 -11.76 8.92
C ALA A 87 -32.54 -10.74 7.93
N ASP A 88 -31.77 -9.68 7.70
CA ASP A 88 -32.13 -8.69 6.69
C ASP A 88 -31.63 -9.19 5.35
N LEU A 89 -32.55 -9.69 4.52
CA LEU A 89 -32.19 -10.16 3.18
C LEU A 89 -32.40 -9.13 2.10
N ASN A 90 -33.09 -8.05 2.40
CA ASN A 90 -33.26 -6.99 1.45
C ASN A 90 -31.98 -6.22 1.34
N SER A 91 -31.00 -6.78 0.67
CA SER A 91 -29.71 -6.10 0.53
C SER A 91 -29.84 -4.72 0.01
N THR A 92 -30.60 -4.55 -1.06
CA THR A 92 -30.79 -3.23 -1.66
C THR A 92 -29.48 -2.64 -2.08
N ILE A 93 -28.57 -3.47 -2.55
CA ILE A 93 -27.31 -3.00 -3.07
C ILE A 93 -27.15 -3.92 -4.24
N GLN A 94 -26.37 -3.54 -5.24
CA GLN A 94 -26.21 -4.48 -6.34
C GLN A 94 -25.07 -5.46 -6.07
N GLU A 95 -25.38 -6.62 -5.52
CA GLU A 95 -24.36 -7.62 -5.28
C GLU A 95 -23.73 -7.93 -6.61
N GLY A 96 -22.42 -7.96 -6.68
CA GLY A 96 -21.78 -8.14 -7.96
C GLY A 96 -20.58 -9.02 -7.86
N PRO A 97 -20.20 -9.61 -8.97
CA PRO A 97 -18.95 -10.33 -8.90
C PRO A 97 -17.95 -9.48 -8.17
N GLY A 98 -17.29 -10.01 -7.17
CA GLY A 98 -16.32 -9.26 -6.38
C GLY A 98 -16.72 -8.75 -5.01
N ALA A 99 -17.94 -9.04 -4.57
CA ALA A 99 -18.35 -8.68 -3.22
C ALA A 99 -17.63 -9.52 -2.15
N PHE A 100 -17.36 -8.95 -0.99
CA PHE A 100 -16.76 -9.72 0.09
C PHE A 100 -17.84 -10.19 1.03
N TYR A 101 -17.72 -11.43 1.47
CA TYR A 101 -18.70 -12.02 2.37
C TYR A 101 -17.98 -12.46 3.63
N GLY A 102 -18.32 -11.83 4.76
CA GLY A 102 -17.55 -12.08 5.96
C GLY A 102 -18.34 -12.04 7.23
N VAL A 103 -17.67 -12.46 8.30
CA VAL A 103 -18.16 -12.43 9.66
C VAL A 103 -17.15 -11.69 10.52
N SER A 104 -17.63 -10.73 11.30
CA SER A 104 -16.83 -9.99 12.26
C SER A 104 -17.46 -10.14 13.63
N SER A 105 -16.62 -10.34 14.63
CA SER A 105 -17.17 -10.56 15.95
C SER A 105 -16.15 -10.08 16.96
N GLN A 106 -16.60 -9.93 18.20
CA GLN A 106 -15.76 -9.47 19.28
C GLN A 106 -16.19 -10.18 20.54
N TYR A 107 -15.21 -10.70 21.27
CA TYR A 107 -15.44 -11.28 22.56
C TYR A 107 -14.70 -10.47 23.62
N SER A 108 -14.94 -10.79 24.89
CA SER A 108 -14.23 -10.12 25.97
C SER A 108 -13.99 -11.09 27.11
N SER A 109 -12.90 -10.90 27.83
CA SER A 109 -12.59 -11.78 28.94
C SER A 109 -11.87 -11.01 30.03
N ALA A 110 -11.93 -11.54 31.25
CA ALA A 110 -11.11 -11.03 32.34
C ALA A 110 -9.75 -11.71 32.40
N ASP A 111 -9.63 -12.90 31.82
CA ASP A 111 -8.36 -13.58 31.61
C ASP A 111 -7.90 -13.41 30.17
N SER A 112 -6.58 -13.38 30.00
CA SER A 112 -5.94 -13.59 28.70
C SER A 112 -5.87 -15.08 28.38
N MET A 113 -6.37 -15.47 27.21
CA MET A 113 -6.23 -16.84 26.73
C MET A 113 -6.03 -16.84 25.22
N THR A 114 -5.74 -18.00 24.68
CA THR A 114 -5.84 -18.22 23.25
C THR A 114 -7.14 -18.97 23.06
N ILE A 115 -8.15 -18.31 22.43
CA ILE A 115 -9.43 -18.97 22.19
C ILE A 115 -9.42 -19.66 20.82
N SER A 116 -10.30 -20.66 20.69
CA SER A 116 -10.53 -21.38 19.43
C SER A 116 -12.02 -21.40 19.15
N VAL A 117 -12.40 -20.95 17.96
CA VAL A 117 -13.79 -20.70 17.61
C VAL A 117 -14.25 -21.70 16.55
N SER A 118 -15.08 -22.65 16.96
CA SER A 118 -15.72 -23.59 16.06
C SER A 118 -17.09 -23.07 15.67
N THR A 119 -17.32 -22.99 14.37
CA THR A 119 -18.63 -22.63 13.83
C THR A 119 -19.07 -23.77 12.92
N LYS A 120 -20.15 -24.45 13.30
CA LYS A 120 -20.69 -25.60 12.56
C LYS A 120 -21.99 -25.21 11.88
N VAL A 121 -21.96 -25.01 10.55
CA VAL A 121 -23.18 -24.87 9.77
C VAL A 121 -23.91 -26.22 9.76
N CYS A 122 -25.25 -26.19 9.82
CA CYS A 122 -26.04 -27.42 9.97
C CYS A 122 -27.34 -27.39 9.19
N SER A 123 -27.63 -28.52 8.54
CA SER A 123 -28.84 -28.69 7.75
C SER A 123 -29.58 -29.93 8.23
N PHE A 124 -30.86 -29.76 8.52
CA PHE A 124 -31.69 -30.81 9.11
C PHE A 124 -30.98 -31.55 10.26
N GLY A 125 -30.19 -30.78 11.03
CA GLY A 125 -29.46 -31.29 12.18
C GLY A 125 -28.14 -31.96 11.84
N LYS A 126 -27.71 -31.90 10.58
CA LYS A 126 -26.50 -32.56 10.12
C LYS A 126 -25.46 -31.51 9.75
N GLN A 127 -24.20 -31.78 10.10
CA GLN A 127 -23.13 -30.83 9.84
C GLN A 127 -22.79 -30.77 8.36
N VAL A 128 -22.95 -29.58 7.77
CA VAL A 128 -22.48 -29.34 6.42
C VAL A 128 -21.04 -28.86 6.40
N VAL A 129 -20.66 -27.96 7.32
CA VAL A 129 -19.36 -27.30 7.32
C VAL A 129 -18.96 -26.97 8.76
N GLU A 130 -17.64 -27.01 9.03
CA GLU A 130 -17.05 -26.48 10.25
C GLU A 130 -15.92 -25.52 9.91
N LYS A 131 -16.01 -24.29 10.39
CA LYS A 131 -14.86 -23.40 10.39
C LYS A 131 -14.25 -23.38 11.77
N VAL A 132 -12.92 -23.29 11.82
CA VAL A 132 -12.18 -23.23 13.06
C VAL A 132 -11.28 -22.02 12.98
N GLU A 133 -11.41 -21.12 13.95
CA GLU A 133 -10.62 -19.90 13.97
C GLU A 133 -9.91 -19.78 15.31
N THR A 134 -8.64 -19.33 15.27
CA THR A 134 -7.89 -19.04 16.48
C THR A 134 -7.78 -17.53 16.66
N GLU A 135 -8.10 -17.03 17.86
CA GLU A 135 -8.05 -15.60 18.11
C GLU A 135 -7.36 -15.32 19.45
N TYR A 136 -6.70 -14.17 19.54
CA TYR A 136 -5.77 -13.94 20.62
C TYR A 136 -6.16 -12.70 21.42
N ALA A 137 -5.79 -12.74 22.71
CA ALA A 137 -6.24 -11.72 23.65
C ALA A 137 -5.47 -10.41 23.47
N ARG A 138 -6.20 -9.31 23.58
CA ARG A 138 -5.65 -7.97 23.46
C ARG A 138 -6.15 -7.16 24.64
N LEU A 139 -5.24 -6.49 25.33
CA LEU A 139 -5.61 -5.68 26.48
C LEU A 139 -6.37 -4.42 26.08
N GLU A 140 -7.57 -4.26 26.63
CA GLU A 140 -8.44 -3.11 26.45
C GLU A 140 -8.70 -2.51 27.83
N ASN A 141 -9.74 -1.67 27.97
CA ASN A 141 -9.98 -0.98 29.24
C ASN A 141 -10.58 -1.96 30.26
N GLY A 142 -9.75 -2.44 31.17
CA GLY A 142 -10.17 -3.30 32.26
C GLY A 142 -10.57 -4.70 31.85
N ARG A 143 -10.26 -5.11 30.63
CA ARG A 143 -10.64 -6.43 30.14
C ARG A 143 -9.75 -6.76 28.96
N PHE A 144 -9.62 -8.05 28.68
CA PHE A 144 -9.04 -8.51 27.44
C PHE A 144 -10.15 -8.67 26.41
N VAL A 145 -9.87 -8.31 25.17
CA VAL A 145 -10.85 -8.36 24.10
C VAL A 145 -10.28 -9.22 22.96
N TYR A 146 -11.16 -9.98 22.31
CA TYR A 146 -10.79 -10.80 21.16
C TYR A 146 -11.54 -10.28 19.94
N ARG A 147 -10.82 -9.99 18.86
CA ARG A 147 -11.40 -9.35 17.67
C ARG A 147 -11.15 -10.21 16.44
N ILE A 148 -12.23 -10.65 15.80
CA ILE A 148 -12.19 -11.32 14.50
C ILE A 148 -12.74 -10.30 13.51
N HIS A 149 -11.85 -9.79 12.64
CA HIS A 149 -12.18 -8.81 11.60
C HIS A 149 -12.32 -9.53 10.27
N ARG A 150 -13.46 -9.35 9.62
CA ARG A 150 -13.66 -9.75 8.22
C ARG A 150 -13.17 -11.17 7.93
N SER A 151 -13.42 -12.10 8.84
CA SER A 151 -13.19 -13.53 8.55
C SER A 151 -14.04 -13.96 7.36
N PRO A 152 -13.43 -14.47 6.28
CA PRO A 152 -14.19 -14.71 5.05
C PRO A 152 -15.23 -15.81 5.22
N MET A 153 -16.39 -15.57 4.64
CA MET A 153 -17.46 -16.56 4.62
C MET A 153 -17.07 -17.74 3.71
N CYS A 154 -17.49 -18.93 4.13
CA CYS A 154 -17.19 -20.04 3.25
C CYS A 154 -18.19 -20.08 2.10
N GLU A 155 -17.82 -20.89 1.10
CA GLU A 155 -18.53 -20.88 -0.17
C GLU A 155 -19.96 -21.41 -0.02
N TYR A 156 -20.16 -22.43 0.81
CA TYR A 156 -21.49 -22.95 1.07
C TYR A 156 -22.44 -21.84 1.49
N MET A 157 -22.01 -20.99 2.43
CA MET A 157 -22.91 -19.95 2.93
C MET A 157 -23.17 -18.86 1.90
N ILE A 158 -22.16 -18.50 1.10
CA ILE A 158 -22.40 -17.54 0.05
C ILE A 158 -23.47 -18.07 -0.91
N ASN A 159 -23.36 -19.35 -1.30
CA ASN A 159 -24.38 -19.95 -2.18
C ASN A 159 -25.73 -19.96 -1.50
N PHE A 160 -25.76 -20.36 -0.24
CA PHE A 160 -27.01 -20.42 0.52
C PHE A 160 -27.69 -19.05 0.58
N ILE A 161 -26.93 -17.99 0.85
CA ILE A 161 -27.52 -16.66 0.94
C ILE A 161 -28.12 -16.24 -0.39
N HIS A 162 -27.33 -16.32 -1.48
CA HIS A 162 -27.85 -15.94 -2.79
C HIS A 162 -29.09 -16.75 -3.16
N LYS A 163 -28.98 -18.07 -3.09
CA LYS A 163 -30.12 -18.91 -3.44
C LYS A 163 -31.32 -18.57 -2.57
N LEU A 164 -31.10 -18.45 -1.26
CA LEU A 164 -32.18 -18.02 -0.37
C LEU A 164 -32.82 -16.73 -0.87
N LYS A 165 -32.02 -15.67 -1.02
CA LYS A 165 -32.52 -14.40 -1.54
C LYS A 165 -33.37 -14.59 -2.78
N HIS A 166 -32.95 -15.50 -3.67
CA HIS A 166 -33.64 -15.70 -4.94
C HIS A 166 -35.08 -16.18 -4.79
N LEU A 167 -35.45 -16.73 -3.62
CA LEU A 167 -36.78 -17.31 -3.42
C LEU A 167 -37.86 -16.23 -3.59
N PRO A 168 -38.96 -16.51 -4.30
CA PRO A 168 -39.96 -15.47 -4.55
C PRO A 168 -40.53 -14.79 -3.32
N GLU A 169 -40.58 -15.46 -2.17
CA GLU A 169 -41.43 -15.06 -1.06
C GLU A 169 -40.75 -15.22 0.30
N LYS A 170 -41.01 -14.29 1.21
CA LYS A 170 -40.39 -14.41 2.53
C LYS A 170 -40.87 -15.66 3.27
N TYR A 171 -42.11 -16.09 3.08
CA TYR A 171 -42.57 -17.27 3.82
C TYR A 171 -41.84 -18.52 3.34
N MET A 172 -41.38 -18.53 2.10
CA MET A 172 -40.56 -19.66 1.69
C MET A 172 -39.16 -19.54 2.28
N MET A 173 -38.61 -18.31 2.40
CA MET A 173 -37.33 -18.19 3.11
C MET A 173 -37.43 -18.75 4.53
N ASN A 174 -38.59 -18.55 5.17
CA ASN A 174 -38.73 -19.00 6.55
C ASN A 174 -38.86 -20.51 6.64
N SER A 175 -39.54 -21.14 5.67
CA SER A 175 -39.65 -22.60 5.66
C SER A 175 -38.27 -23.26 5.48
N VAL A 176 -37.39 -22.67 4.69
CA VAL A 176 -36.03 -23.19 4.58
C VAL A 176 -35.28 -23.03 5.90
N LEU A 177 -35.26 -21.80 6.44
CA LEU A 177 -34.47 -21.47 7.63
C LEU A 177 -34.88 -22.29 8.86
N GLU A 178 -36.03 -22.92 8.86
CA GLU A 178 -36.45 -23.72 9.99
C GLU A 178 -35.50 -24.86 10.27
N ASN A 179 -34.88 -25.39 9.24
CA ASN A 179 -33.94 -26.49 9.42
C ASN A 179 -32.51 -26.06 9.13
N PHE A 180 -32.26 -24.76 9.17
CA PHE A 180 -30.93 -24.18 9.06
C PHE A 180 -30.51 -23.65 10.43
N THR A 181 -29.33 -24.08 10.88
CA THR A 181 -28.80 -23.67 12.17
C THR A 181 -27.29 -23.54 12.08
N ILE A 182 -26.74 -22.77 13.01
CA ILE A 182 -25.30 -22.68 13.17
C ILE A 182 -25.00 -22.90 14.64
N LEU A 183 -23.95 -23.66 14.95
CA LEU A 183 -23.53 -23.87 16.33
C LEU A 183 -22.13 -23.30 16.52
N GLN A 184 -21.98 -22.41 17.51
CA GLN A 184 -20.68 -21.84 17.84
C GLN A 184 -20.21 -22.35 19.19
N VAL A 185 -18.98 -22.84 19.22
CA VAL A 185 -18.35 -23.38 20.41
C VAL A 185 -16.96 -22.79 20.50
N VAL A 186 -16.78 -21.85 21.43
CA VAL A 186 -15.49 -21.26 21.72
C VAL A 186 -14.87 -22.06 22.86
N THR A 187 -13.64 -22.50 22.68
CA THR A 187 -12.92 -23.16 23.74
C THR A 187 -11.59 -22.46 23.93
N SER A 188 -11.00 -22.59 25.12
CA SER A 188 -9.59 -22.26 25.30
C SER A 188 -8.76 -23.27 24.53
N ARG A 189 -7.80 -22.80 23.73
CA ARG A 189 -7.23 -23.67 22.71
C ARG A 189 -6.49 -24.85 23.32
N ASP A 190 -5.61 -24.58 24.25
CA ASP A 190 -4.79 -25.64 24.80
C ASP A 190 -5.51 -26.50 25.84
N SER A 191 -6.39 -25.90 26.61
CA SER A 191 -7.13 -26.66 27.61
C SER A 191 -8.32 -27.40 26.99
N GLN A 192 -8.97 -26.79 25.99
CA GLN A 192 -10.17 -27.26 25.32
C GLN A 192 -11.41 -27.13 26.19
N GLU A 193 -11.27 -26.63 27.42
CA GLU A 193 -12.43 -26.27 28.21
C GLU A 193 -13.41 -25.43 27.40
N THR A 194 -14.70 -25.71 27.55
CA THR A 194 -15.73 -24.93 26.89
C THR A 194 -15.88 -23.57 27.54
N LEU A 195 -15.80 -22.51 26.73
CA LEU A 195 -15.93 -21.14 27.21
C LEU A 195 -17.30 -20.54 26.92
N LEU A 196 -17.77 -20.66 25.68
CA LEU A 196 -19.05 -20.09 25.27
C LEU A 196 -19.61 -20.99 24.20
N VAL A 197 -20.89 -21.30 24.29
CA VAL A 197 -21.59 -22.03 23.25
C VAL A 197 -22.84 -21.24 22.92
N ILE A 198 -23.06 -20.97 21.64
CA ILE A 198 -24.24 -20.25 21.18
C ILE A 198 -24.87 -21.06 20.08
N ALA A 199 -26.14 -21.41 20.25
CA ALA A 199 -26.92 -22.01 19.17
C ALA A 199 -27.60 -20.89 18.40
N PHE A 200 -27.48 -20.92 17.09
CA PHE A 200 -28.07 -19.90 16.23
C PHE A 200 -29.22 -20.51 15.45
N VAL A 201 -30.40 -19.91 15.61
CA VAL A 201 -31.55 -20.25 14.79
C VAL A 201 -31.93 -18.97 14.06
N PHE A 202 -32.58 -19.12 12.91
CA PHE A 202 -32.77 -17.99 12.01
C PHE A 202 -34.19 -17.95 11.48
N GLU A 203 -34.56 -16.75 11.03
CA GLU A 203 -35.86 -16.52 10.45
C GLU A 203 -35.74 -15.20 9.71
N VAL A 204 -36.34 -15.08 8.54
CA VAL A 204 -36.30 -13.85 7.77
C VAL A 204 -37.18 -12.80 8.39
N SER A 205 -36.90 -11.52 8.13
CA SER A 205 -37.77 -10.52 8.65
C SER A 205 -38.89 -10.31 7.66
N THR A 206 -40.09 -10.72 8.05
CA THR A 206 -41.24 -10.64 7.15
C THR A 206 -41.58 -9.25 6.81
N SER A 207 -41.52 -8.41 7.81
CA SER A 207 -41.81 -7.03 7.61
C SER A 207 -40.45 -6.60 7.91
N GLU A 208 -39.89 -5.80 7.05
CA GLU A 208 -38.51 -5.51 7.25
C GLU A 208 -38.28 -4.22 7.95
N HIS A 209 -37.54 -4.31 9.04
CA HIS A 209 -37.22 -3.16 9.82
C HIS A 209 -35.74 -3.32 9.91
N GLY A 210 -35.22 -4.30 9.16
CA GLY A 210 -33.81 -4.58 9.16
C GLY A 210 -33.55 -5.66 10.18
N ALA A 211 -32.30 -5.97 10.43
CA ALA A 211 -31.97 -7.08 11.31
C ALA A 211 -32.43 -6.99 12.75
N GLN A 212 -32.85 -8.11 13.31
CA GLN A 212 -33.33 -8.21 14.68
C GLN A 212 -32.72 -9.45 15.31
N HIS A 213 -32.74 -9.54 16.63
CA HIS A 213 -32.31 -10.77 17.28
C HIS A 213 -32.89 -10.85 18.68
N HIS A 214 -32.81 -12.04 19.26
CA HIS A 214 -33.33 -12.32 20.59
C HIS A 214 -32.49 -13.37 21.27
N VAL A 215 -32.19 -13.19 22.55
CA VAL A 215 -31.30 -14.09 23.27
C VAL A 215 -32.11 -14.92 24.26
N TYR A 216 -31.62 -16.14 24.53
CA TYR A 216 -32.29 -17.09 25.41
C TYR A 216 -31.21 -17.91 26.11
N LYS A 217 -31.47 -18.27 27.35
CA LYS A 217 -30.54 -19.08 28.13
C LYS A 217 -30.95 -20.55 28.02
N LEU A 218 -30.03 -21.40 27.60
CA LEU A 218 -30.33 -22.82 27.47
C LEU A 218 -30.17 -23.54 28.82
N VAL A 219 -31.22 -24.23 29.25
CA VAL A 219 -31.30 -24.85 30.57
C VAL A 219 -31.60 -26.32 30.40
N LYS A 220 -31.26 -27.13 31.42
CA LYS A 220 -31.51 -28.57 31.41
C LYS A 220 -32.41 -29.05 32.54
N ASP A 221 -33.14 -28.15 33.19
CA ASP A 221 -34.00 -28.48 34.34
C ASP A 221 -34.62 -29.89 34.34
N SER B 1 7.45 6.90 -9.71
CA SER B 1 6.82 5.59 -9.35
C SER B 1 7.68 4.32 -9.38
N GLN B 2 7.77 3.60 -8.26
CA GLN B 2 8.85 2.60 -8.12
C GLN B 2 8.50 1.61 -7.01
N ASP B 3 7.54 0.72 -7.31
CA ASP B 3 7.04 -0.24 -6.34
C ASP B 3 7.93 -1.49 -6.36
N ARG B 4 8.20 -2.02 -5.17
CA ARG B 4 9.14 -3.10 -4.99
C ARG B 4 8.83 -3.82 -3.69
N THR B 5 9.08 -5.13 -3.65
CA THR B 5 8.68 -5.87 -2.47
C THR B 5 9.64 -5.57 -1.33
N ILE B 6 9.07 -5.49 -0.13
CA ILE B 6 9.80 -5.22 1.11
C ILE B 6 9.75 -6.51 1.94
N ALA B 7 10.90 -7.15 2.09
CA ALA B 7 10.99 -8.42 2.80
C ALA B 7 12.44 -8.61 3.26
N SER B 8 12.60 -9.14 4.46
CA SER B 8 13.89 -9.57 4.94
C SER B 8 13.97 -11.09 4.80
N SER B 9 14.93 -11.70 5.47
CA SER B 9 14.94 -13.16 5.50
C SER B 9 13.91 -13.69 6.47
N ARG B 10 13.28 -12.82 7.25
CA ARG B 10 12.40 -13.28 8.32
C ARG B 10 11.00 -12.68 8.29
N LEU B 11 10.77 -11.57 7.60
CA LEU B 11 9.46 -10.94 7.56
C LEU B 11 9.29 -10.24 6.22
N ARG B 12 8.08 -10.32 5.65
CA ARG B 12 7.72 -9.58 4.45
C ARG B 12 6.55 -8.65 4.75
N LEU B 13 6.62 -7.42 4.24
CA LEU B 13 5.50 -6.50 4.37
C LEU B 13 4.57 -6.69 3.18
N LEU B 14 3.27 -6.92 3.44
CA LEU B 14 2.29 -7.12 2.37
C LEU B 14 1.41 -5.91 2.11
N GLU B 15 1.09 -5.15 3.15
CA GLU B 15 0.23 -4.00 2.95
C GLU B 15 0.54 -2.96 4.01
N TYR B 16 0.39 -1.69 3.62
CA TYR B 16 0.48 -0.54 4.53
C TYR B 16 -0.47 0.53 4.06
N SER B 17 -1.38 0.98 4.92
CA SER B 17 -2.23 2.10 4.55
C SER B 17 -2.36 3.03 5.75
N ALA B 18 -2.39 4.33 5.47
CA ALA B 18 -2.89 5.32 6.41
C ALA B 18 -4.03 6.02 5.72
N PHE B 19 -5.20 6.03 6.36
CA PHE B 19 -6.42 6.44 5.69
C PHE B 19 -7.28 7.25 6.65
N MET B 20 -8.24 7.99 6.07
CA MET B 20 -9.29 8.68 6.78
C MET B 20 -10.63 8.12 6.34
N GLU B 21 -11.46 7.65 7.28
CA GLU B 21 -12.69 6.94 6.94
C GLU B 21 -13.91 7.69 7.50
N VAL B 22 -14.88 7.94 6.64
CA VAL B 22 -16.05 8.76 6.96
C VAL B 22 -17.33 8.00 6.61
N GLN B 23 -18.08 7.60 7.62
CA GLN B 23 -19.37 6.97 7.37
C GLN B 23 -20.31 8.00 6.76
N ARG B 24 -20.78 7.74 5.54
CA ARG B 24 -21.56 8.70 4.77
C ARG B 24 -23.06 8.54 4.98
N ASP B 25 -23.52 7.31 5.26
CA ASP B 25 -24.89 6.98 5.66
C ASP B 25 -24.82 5.61 6.35
N PRO B 26 -25.92 4.99 6.80
CA PRO B 26 -25.76 3.75 7.59
C PRO B 26 -25.12 2.60 6.82
N ASP B 27 -25.15 2.63 5.49
CA ASP B 27 -24.67 1.52 4.67
C ASP B 27 -23.34 1.81 3.97
N THR B 28 -22.93 3.06 3.90
CA THR B 28 -21.91 3.49 2.97
C THR B 28 -20.95 4.45 3.63
N TYR B 29 -19.66 4.15 3.52
CA TYR B 29 -18.60 4.98 4.04
C TYR B 29 -17.57 5.28 2.95
N SER B 30 -16.87 6.39 3.10
CA SER B 30 -15.75 6.74 2.25
C SER B 30 -14.45 6.44 2.98
N LYS B 31 -13.46 5.98 2.21
CA LYS B 31 -12.12 5.71 2.73
C LYS B 31 -11.11 6.35 1.80
N HIS B 32 -10.46 7.42 2.26
CA HIS B 32 -9.39 8.11 1.54
C HIS B 32 -8.05 7.62 2.08
N LEU B 33 -7.19 7.14 1.19
CA LEU B 33 -5.85 6.68 1.54
C LEU B 33 -4.85 7.82 1.36
N PHE B 34 -4.14 8.15 2.44
CA PHE B 34 -3.07 9.13 2.35
C PHE B 34 -1.83 8.50 1.72
N VAL B 35 -1.36 7.40 2.29
CA VAL B 35 -0.24 6.64 1.77
C VAL B 35 -0.71 5.18 1.74
N HIS B 36 -0.20 4.41 0.77
CA HIS B 36 -0.65 3.04 0.56
C HIS B 36 0.46 2.24 -0.10
N ILE B 37 0.73 1.06 0.46
CA ILE B 37 1.55 0.02 -0.17
C ILE B 37 0.67 -1.22 -0.22
N GLY B 38 0.46 -1.76 -1.40
CA GLY B 38 -0.30 -2.99 -1.51
C GLY B 38 0.22 -3.96 -2.54
N GLN B 39 -0.09 -5.23 -2.38
CA GLN B 39 0.32 -6.20 -3.39
C GLN B 39 -0.92 -6.79 -3.96
N THR B 40 -1.04 -6.76 -5.28
CA THR B 40 -2.18 -7.38 -5.94
C THR B 40 -2.16 -8.87 -5.68
N ASN B 41 -0.97 -9.45 -5.75
CA ASN B 41 -0.81 -10.85 -5.54
C ASN B 41 0.53 -10.87 -4.93
N PRO B 42 0.85 -11.96 -4.21
CA PRO B 42 2.21 -11.84 -3.75
C PRO B 42 2.94 -11.82 -5.05
N ALA B 43 3.80 -10.85 -5.21
CA ALA B 43 4.55 -10.72 -6.43
C ALA B 43 5.67 -11.68 -6.46
N PHE B 44 6.14 -12.02 -7.64
CA PHE B 44 7.32 -12.82 -7.69
C PHE B 44 8.13 -11.74 -7.05
N SER B 45 9.08 -12.08 -6.21
CA SER B 45 9.71 -11.03 -5.47
C SER B 45 10.30 -10.08 -6.44
N ASP B 46 10.13 -8.81 -6.15
CA ASP B 46 10.65 -7.78 -6.99
C ASP B 46 11.34 -6.93 -6.00
N PRO B 47 12.46 -7.42 -5.50
CA PRO B 47 13.16 -6.68 -4.47
C PRO B 47 13.73 -5.39 -5.04
N PRO B 48 13.92 -4.37 -4.20
CA PRO B 48 14.42 -3.13 -4.77
C PRO B 48 15.79 -3.32 -5.40
N LEU B 49 15.97 -2.75 -6.58
CA LEU B 49 17.27 -2.69 -7.23
C LEU B 49 17.90 -1.30 -7.04
N GLU B 50 17.18 -0.41 -6.39
CA GLU B 50 17.58 0.96 -6.10
C GLU B 50 18.05 1.02 -4.66
N ALA B 51 19.24 1.55 -4.44
CA ALA B 51 19.87 1.54 -3.12
C ALA B 51 20.17 2.96 -2.67
N VAL B 52 20.07 3.17 -1.36
CA VAL B 52 20.51 4.40 -0.71
C VAL B 52 21.37 4.01 0.48
N ASP B 53 22.52 4.66 0.61
CA ASP B 53 23.39 4.43 1.75
C ASP B 53 22.72 4.95 3.02
N VAL B 54 22.60 4.09 4.04
CA VAL B 54 21.85 4.47 5.23
C VAL B 54 22.49 5.65 5.92
N ARG B 55 23.82 5.77 5.84
CA ARG B 55 24.51 6.87 6.50
C ARG B 55 23.99 8.21 6.04
N GLN B 56 23.55 8.31 4.79
CA GLN B 56 23.05 9.56 4.29
C GLN B 56 21.75 10.00 4.97
N ILE B 57 21.10 9.12 5.72
CA ILE B 57 19.80 9.50 6.27
C ILE B 57 19.80 9.39 7.79
N TYR B 58 21.00 9.38 8.40
CA TYR B 58 21.13 9.29 9.85
C TYR B 58 20.59 10.53 10.56
N ASP B 59 20.56 11.68 9.89
CA ASP B 59 20.11 12.91 10.51
C ASP B 59 18.60 13.07 10.49
N LYS B 60 17.88 12.24 9.74
CA LYS B 60 16.42 12.31 9.67
C LYS B 60 15.72 11.41 10.67
N PHE B 61 16.47 10.76 11.54
CA PHE B 61 15.90 9.82 12.48
C PHE B 61 16.65 9.88 13.78
N PRO B 62 16.06 9.35 14.86
CA PRO B 62 16.74 9.52 16.15
C PRO B 62 18.05 8.81 16.15
N GLU B 63 19.08 9.44 16.68
CA GLU B 63 20.40 8.83 16.55
C GLU B 63 21.16 8.03 17.62
N LYS B 64 21.28 8.54 18.83
CA LYS B 64 22.17 7.82 19.76
C LYS B 64 21.90 6.42 20.25
N LYS B 65 20.68 6.14 20.66
CA LYS B 65 20.46 4.82 21.22
C LYS B 65 19.24 4.19 20.62
N GLY B 66 19.36 2.96 20.17
CA GLY B 66 18.25 2.37 19.48
C GLY B 66 17.96 3.28 18.32
N GLY B 67 19.02 3.81 17.74
CA GLY B 67 18.86 4.67 16.62
C GLY B 67 19.18 3.91 15.39
N LEU B 68 18.90 4.51 14.27
CA LEU B 68 19.14 3.84 12.99
C LEU B 68 20.56 3.29 12.91
N LYS B 69 21.53 4.10 13.33
CA LYS B 69 22.92 3.70 13.17
C LYS B 69 23.21 2.45 13.98
N GLU B 70 22.82 2.44 15.25
CA GLU B 70 23.05 1.27 16.08
C GLU B 70 22.22 0.08 15.59
N LEU B 71 20.97 0.35 15.20
CA LEU B 71 20.12 -0.70 14.65
C LEU B 71 20.73 -1.36 13.42
N TYR B 72 21.31 -0.55 12.52
CA TYR B 72 21.91 -1.13 11.32
C TYR B 72 23.18 -1.89 11.65
N GLU B 73 23.94 -1.42 12.65
CA GLU B 73 25.13 -2.15 13.09
C GLU B 73 24.73 -3.47 13.74
N LYS B 74 23.66 -3.45 14.57
CA LYS B 74 23.13 -4.70 15.09
C LYS B 74 22.70 -5.63 13.94
N GLY B 75 22.26 -5.05 12.82
CA GLY B 75 21.84 -5.81 11.68
C GLY B 75 20.53 -6.51 11.96
N PRO B 76 20.13 -7.41 11.06
CA PRO B 76 20.78 -7.79 9.81
C PRO B 76 20.55 -6.73 8.75
N PRO B 77 21.50 -6.53 7.82
CA PRO B 77 21.34 -5.45 6.85
C PRO B 77 20.19 -5.68 5.88
N ASN B 78 19.89 -6.94 5.57
CA ASN B 78 18.86 -7.25 4.58
C ASN B 78 17.48 -6.92 5.12
N ALA B 79 17.40 -6.38 6.33
CA ALA B 79 16.15 -5.99 6.95
C ALA B 79 15.81 -4.51 6.75
N PHE B 80 16.77 -3.70 6.33
CA PHE B 80 16.59 -2.26 6.35
C PHE B 80 16.17 -1.77 4.97
N PHE B 81 15.08 -1.01 4.94
CA PHE B 81 14.44 -0.53 3.74
C PHE B 81 14.10 0.94 3.92
N LEU B 82 14.06 1.67 2.81
CA LEU B 82 13.61 3.06 2.84
C LEU B 82 12.43 3.22 1.90
N VAL B 83 11.40 3.93 2.33
CA VAL B 83 10.19 4.12 1.54
C VAL B 83 9.83 5.59 1.55
N LYS B 84 9.82 6.21 0.39
CA LYS B 84 9.35 7.58 0.24
C LYS B 84 7.92 7.57 -0.29
N PHE B 85 7.04 8.32 0.37
CA PHE B 85 5.64 8.42 0.00
C PHE B 85 5.36 9.79 -0.59
N TRP B 86 4.47 9.81 -1.58
CA TRP B 86 3.89 11.06 -2.08
C TRP B 86 2.45 11.09 -1.58
N ALA B 87 2.19 11.87 -0.53
CA ALA B 87 0.91 11.82 0.16
C ALA B 87 -0.20 12.44 -0.66
N ASP B 88 -1.33 11.75 -0.70
CA ASP B 88 -2.57 12.25 -1.28
C ASP B 88 -3.33 13.02 -0.19
N LEU B 89 -3.39 14.34 -0.31
CA LEU B 89 -4.09 15.17 0.67
C LEU B 89 -5.34 15.83 0.10
N ASN B 90 -5.88 15.28 -0.99
CA ASN B 90 -7.10 15.78 -1.61
C ASN B 90 -8.32 15.40 -0.78
N SER B 91 -9.18 16.38 -0.53
CA SER B 91 -10.42 16.11 0.21
C SER B 91 -11.48 15.58 -0.77
N THR B 92 -11.27 14.32 -1.20
CA THR B 92 -12.34 13.63 -1.92
C THR B 92 -13.61 13.66 -1.09
N ILE B 93 -13.45 13.67 0.23
CA ILE B 93 -14.53 13.72 1.19
C ILE B 93 -14.25 14.80 2.23
N GLN B 94 -15.33 15.39 2.76
CA GLN B 94 -15.26 16.24 3.94
C GLN B 94 -14.96 15.39 5.18
N GLU B 95 -14.22 15.93 6.13
CA GLU B 95 -13.98 15.19 7.32
C GLU B 95 -15.31 15.03 8.01
N GLY B 96 -15.91 16.14 8.38
CA GLY B 96 -17.16 16.08 9.11
C GLY B 96 -16.99 15.86 10.59
N PRO B 97 -18.09 15.67 11.29
CA PRO B 97 -18.04 15.50 12.73
C PRO B 97 -17.24 14.29 13.20
N GLY B 98 -17.36 13.14 12.54
CA GLY B 98 -16.65 11.97 13.03
C GLY B 98 -15.86 11.15 12.05
N ALA B 99 -14.77 11.69 11.57
CA ALA B 99 -13.88 10.94 10.71
C ALA B 99 -13.03 10.00 11.51
N PHE B 100 -12.55 8.93 10.90
CA PHE B 100 -11.63 8.03 11.57
C PHE B 100 -10.29 8.06 10.92
N TYR B 101 -9.26 8.25 11.71
CA TYR B 101 -7.91 8.28 11.19
C TYR B 101 -7.25 7.01 11.63
N GLY B 102 -6.73 6.25 10.68
CA GLY B 102 -6.20 4.95 11.01
C GLY B 102 -5.13 4.45 10.06
N VAL B 103 -4.46 3.39 10.52
CA VAL B 103 -3.42 2.72 9.76
C VAL B 103 -3.71 1.22 9.76
N SER B 104 -3.60 0.60 8.60
CA SER B 104 -3.71 -0.85 8.45
C SER B 104 -2.42 -1.37 7.85
N SER B 105 -1.93 -2.48 8.36
CA SER B 105 -0.75 -3.08 7.75
C SER B 105 -0.83 -4.59 7.88
N GLN B 106 -0.18 -5.29 6.94
CA GLN B 106 -0.20 -6.74 6.86
C GLN B 106 1.22 -7.23 6.59
N TYR B 107 1.61 -8.30 7.29
CA TYR B 107 2.95 -8.87 7.19
C TYR B 107 2.85 -10.40 7.11
N SER B 108 3.90 -11.03 6.58
CA SER B 108 3.96 -12.48 6.51
C SER B 108 5.34 -13.02 6.86
N SER B 109 5.37 -14.28 7.28
CA SER B 109 6.62 -14.98 7.54
C SER B 109 6.39 -16.49 7.38
N ALA B 110 7.46 -17.19 6.97
CA ALA B 110 7.43 -18.65 7.02
C ALA B 110 7.41 -19.13 8.48
N ASP B 111 7.95 -18.33 9.38
CA ASP B 111 8.12 -18.58 10.80
C ASP B 111 6.80 -18.27 11.54
N SER B 112 6.68 -18.76 12.79
CA SER B 112 5.59 -18.32 13.67
C SER B 112 6.17 -17.56 14.85
N MET B 113 5.91 -16.25 14.89
CA MET B 113 6.50 -15.37 15.89
C MET B 113 5.42 -14.52 16.55
N THR B 114 5.80 -13.88 17.65
CA THR B 114 5.06 -12.77 18.21
C THR B 114 5.83 -11.50 17.86
N ILE B 115 5.26 -10.65 17.04
CA ILE B 115 6.04 -9.51 16.59
C ILE B 115 5.65 -8.27 17.39
N SER B 116 6.63 -7.39 17.58
CA SER B 116 6.44 -6.07 18.18
C SER B 116 6.87 -5.01 17.17
N VAL B 117 5.96 -4.07 16.91
CA VAL B 117 6.15 -3.04 15.89
C VAL B 117 6.26 -1.68 16.58
N SER B 118 7.40 -1.04 16.41
CA SER B 118 7.68 0.27 16.95
C SER B 118 7.60 1.27 15.82
N THR B 119 6.68 2.23 15.95
CA THR B 119 6.55 3.34 15.01
C THR B 119 6.94 4.61 15.75
N LYS B 120 7.92 5.31 15.20
CA LYS B 120 8.48 6.51 15.83
C LYS B 120 8.24 7.69 14.90
N VAL B 121 7.32 8.57 15.26
CA VAL B 121 7.12 9.81 14.52
C VAL B 121 8.20 10.80 14.94
N CYS B 122 8.97 11.29 13.97
CA CYS B 122 10.06 12.21 14.23
C CYS B 122 9.85 13.53 13.51
N SER B 123 10.25 14.61 14.16
CA SER B 123 10.28 15.94 13.57
C SER B 123 11.72 16.44 13.66
N PHE B 124 12.27 16.89 12.51
CA PHE B 124 13.68 17.30 12.40
C PHE B 124 14.63 16.25 12.97
N GLY B 125 14.24 14.99 12.88
CA GLY B 125 15.08 13.90 13.31
C GLY B 125 14.91 13.49 14.75
N LYS B 126 14.02 14.13 15.49
CA LYS B 126 13.83 13.84 16.90
C LYS B 126 12.47 13.20 17.10
N GLN B 127 12.42 12.20 17.98
CA GLN B 127 11.18 11.47 18.26
C GLN B 127 10.18 12.36 19.00
N VAL B 128 8.99 12.50 18.46
CA VAL B 128 7.91 13.20 19.15
C VAL B 128 6.79 12.28 19.58
N VAL B 129 6.68 11.08 18.99
CA VAL B 129 5.69 10.11 19.42
C VAL B 129 6.32 8.73 19.29
N GLU B 130 5.83 7.78 20.07
CA GLU B 130 6.09 6.38 19.78
C GLU B 130 4.90 5.52 20.18
N LYS B 131 4.38 4.74 19.23
CA LYS B 131 3.38 3.72 19.49
C LYS B 131 4.06 2.36 19.39
N VAL B 132 3.72 1.43 20.28
CA VAL B 132 4.23 0.07 20.19
C VAL B 132 3.05 -0.89 20.18
N GLU B 133 3.07 -1.81 19.21
CA GLU B 133 1.95 -2.72 18.98
C GLU B 133 2.45 -4.17 18.98
N THR B 134 1.65 -5.06 19.53
CA THR B 134 1.96 -6.48 19.54
C THR B 134 1.03 -7.18 18.58
N GLU B 135 1.57 -8.03 17.73
CA GLU B 135 0.73 -8.75 16.79
C GLU B 135 1.16 -10.21 16.74
N TYR B 136 0.16 -11.07 16.53
CA TYR B 136 0.29 -12.52 16.63
C TYR B 136 0.13 -13.19 15.27
N ALA B 137 0.79 -14.33 15.14
CA ALA B 137 0.89 -15.05 13.86
C ALA B 137 -0.35 -15.90 13.62
N ARG B 138 -0.95 -15.75 12.44
CA ARG B 138 -2.07 -16.56 12.00
C ARG B 138 -1.65 -17.39 10.79
N LEU B 139 -1.87 -18.70 10.80
CA LEU B 139 -1.44 -19.51 9.68
C LEU B 139 -2.50 -19.50 8.57
N GLU B 140 -2.14 -19.01 7.38
CA GLU B 140 -3.03 -18.97 6.23
C GLU B 140 -2.26 -19.39 4.97
N ASN B 141 -2.74 -20.44 4.32
CA ASN B 141 -2.13 -20.92 3.09
C ASN B 141 -0.67 -21.29 3.29
N GLY B 142 -0.35 -21.84 4.45
CA GLY B 142 0.99 -22.33 4.69
C GLY B 142 2.01 -21.27 5.03
N ARG B 143 1.56 -20.04 5.20
CA ARG B 143 2.45 -18.98 5.62
C ARG B 143 1.85 -18.37 6.87
N PHE B 144 2.66 -17.72 7.66
CA PHE B 144 2.15 -17.07 8.86
C PHE B 144 1.92 -15.60 8.58
N VAL B 145 0.71 -15.13 8.85
CA VAL B 145 0.25 -13.79 8.50
C VAL B 145 0.05 -13.01 9.79
N TYR B 146 0.41 -11.74 9.75
CA TYR B 146 0.17 -10.85 10.88
C TYR B 146 -0.64 -9.69 10.34
N ARG B 147 -1.71 -9.36 11.03
CA ARG B 147 -2.55 -8.29 10.58
C ARG B 147 -2.88 -7.26 11.62
N ILE B 148 -2.46 -6.04 11.40
CA ILE B 148 -2.86 -4.92 12.25
C ILE B 148 -3.92 -4.15 11.48
N HIS B 149 -5.16 -4.31 11.92
CA HIS B 149 -6.35 -3.82 11.24
C HIS B 149 -6.83 -2.55 11.92
N ARG B 150 -7.10 -1.52 11.12
CA ARG B 150 -7.69 -0.26 11.59
C ARG B 150 -7.08 0.25 12.91
N SER B 151 -5.76 0.47 12.91
CA SER B 151 -5.10 1.02 14.10
C SER B 151 -5.35 2.51 14.20
N PRO B 152 -5.76 3.02 15.36
CA PRO B 152 -6.21 4.41 15.44
C PRO B 152 -5.02 5.35 15.47
N MET B 153 -5.09 6.40 14.68
CA MET B 153 -4.00 7.35 14.64
C MET B 153 -3.93 8.12 15.94
N CYS B 154 -2.70 8.31 16.44
CA CYS B 154 -2.50 9.12 17.63
C CYS B 154 -2.83 10.58 17.33
N GLU B 155 -3.10 11.35 18.40
CA GLU B 155 -3.62 12.71 18.22
C GLU B 155 -2.62 13.57 17.47
N TYR B 156 -1.33 13.38 17.77
CA TYR B 156 -0.27 14.12 17.11
C TYR B 156 -0.41 14.10 15.60
N MET B 157 -0.65 12.89 15.05
CA MET B 157 -0.76 12.74 13.61
C MET B 157 -2.06 13.33 13.07
N ILE B 158 -3.16 13.17 13.80
CA ILE B 158 -4.42 13.75 13.34
C ILE B 158 -4.27 15.26 13.15
N ASN B 159 -3.59 15.91 14.10
CA ASN B 159 -3.38 17.36 14.01
C ASN B 159 -2.41 17.72 12.90
N PHE B 160 -1.28 17.00 12.82
CA PHE B 160 -0.36 17.20 11.72
C PHE B 160 -1.10 17.21 10.39
N ILE B 161 -1.81 16.10 10.09
CA ILE B 161 -2.65 16.04 8.89
C ILE B 161 -3.56 17.27 8.81
N HIS B 162 -4.33 17.54 9.87
CA HIS B 162 -5.20 18.73 9.90
C HIS B 162 -4.43 20.03 9.62
N LYS B 163 -3.26 20.22 10.22
CA LYS B 163 -2.49 21.42 9.92
C LYS B 163 -2.03 21.46 8.46
N LEU B 164 -1.61 20.33 7.91
CA LEU B 164 -1.14 20.35 6.52
C LEU B 164 -2.26 20.80 5.58
N LYS B 165 -3.49 20.31 5.80
CA LYS B 165 -4.57 20.63 4.88
C LYS B 165 -4.82 22.13 4.83
N HIS B 166 -4.61 22.81 5.95
CA HIS B 166 -4.99 24.21 6.02
C HIS B 166 -3.91 25.11 5.45
N LEU B 167 -2.71 24.61 5.26
CA LEU B 167 -1.71 25.39 4.55
C LEU B 167 -2.25 25.78 3.18
N PRO B 168 -2.08 27.03 2.75
CA PRO B 168 -2.65 27.46 1.46
C PRO B 168 -2.01 26.83 0.22
N GLU B 169 -0.78 26.34 0.28
CA GLU B 169 -0.12 25.86 -0.93
C GLU B 169 0.61 24.55 -0.68
N LYS B 170 0.83 23.78 -1.76
CA LYS B 170 1.48 22.46 -1.63
C LYS B 170 2.97 22.61 -1.35
N TYR B 171 3.63 23.64 -1.89
CA TYR B 171 5.05 23.79 -1.58
C TYR B 171 5.25 23.99 -0.08
N MET B 172 4.33 24.71 0.57
CA MET B 172 4.33 24.78 2.03
C MET B 172 4.13 23.39 2.61
N MET B 173 3.15 22.64 2.09
CA MET B 173 2.91 21.27 2.55
C MET B 173 4.12 20.39 2.29
N ASN B 174 4.76 20.53 1.13
CA ASN B 174 5.96 19.78 0.88
C ASN B 174 7.01 20.08 1.91
N SER B 175 7.21 21.38 2.19
CA SER B 175 8.26 21.80 3.11
C SER B 175 8.05 21.24 4.51
N VAL B 176 6.82 21.29 5.02
CA VAL B 176 6.53 20.69 6.32
C VAL B 176 6.81 19.19 6.30
N LEU B 177 6.52 18.51 5.18
CA LEU B 177 6.78 17.08 5.13
C LEU B 177 8.27 16.75 5.00
N GLU B 178 9.11 17.70 4.59
CA GLU B 178 10.51 17.38 4.37
C GLU B 178 11.25 17.04 5.65
N ASN B 179 10.74 17.51 6.80
CA ASN B 179 11.35 17.26 8.09
C ASN B 179 10.55 16.26 8.91
N PHE B 180 9.46 15.77 8.34
CA PHE B 180 8.63 14.75 8.95
C PHE B 180 9.10 13.39 8.45
N THR B 181 9.41 12.48 9.37
CA THR B 181 9.80 11.11 9.02
C THR B 181 9.26 10.12 10.04
N ILE B 182 9.14 8.86 9.61
CA ILE B 182 8.69 7.79 10.48
C ILE B 182 9.64 6.61 10.35
N LEU B 183 9.99 6.01 11.48
CA LEU B 183 10.81 4.82 11.50
C LEU B 183 9.98 3.69 12.09
N GLN B 184 9.82 2.62 11.33
CA GLN B 184 9.18 1.42 11.84
C GLN B 184 10.25 0.35 12.01
N VAL B 185 10.29 -0.23 13.20
CA VAL B 185 11.22 -1.30 13.56
C VAL B 185 10.34 -2.43 14.09
N VAL B 186 10.26 -3.51 13.32
CA VAL B 186 9.54 -4.71 13.73
C VAL B 186 10.56 -5.71 14.27
N THR B 187 10.24 -6.29 15.41
CA THR B 187 11.14 -7.23 16.05
C THR B 187 10.38 -8.39 16.60
N SER B 188 10.98 -9.57 16.59
CA SER B 188 10.34 -10.67 17.24
C SER B 188 10.40 -10.35 18.68
N ARG B 189 9.29 -10.46 19.35
CA ARG B 189 9.30 -10.05 20.72
C ARG B 189 10.20 -10.90 21.57
N ASP B 190 10.14 -12.21 21.41
CA ASP B 190 11.06 -13.04 22.18
C ASP B 190 12.54 -12.94 21.89
N SER B 191 12.94 -12.98 20.62
CA SER B 191 14.34 -12.82 20.24
C SER B 191 14.82 -11.43 20.53
N GLN B 192 13.94 -10.47 20.26
CA GLN B 192 14.30 -9.07 20.39
C GLN B 192 15.12 -8.78 19.13
N GLU B 193 15.11 -9.72 18.20
CA GLU B 193 15.86 -9.57 16.98
C GLU B 193 15.15 -8.71 15.98
N THR B 194 15.93 -7.98 15.21
CA THR B 194 15.35 -7.09 14.20
C THR B 194 14.89 -7.89 12.98
N LEU B 195 13.60 -7.81 12.65
CA LEU B 195 13.04 -8.53 11.52
C LEU B 195 12.81 -7.66 10.30
N LEU B 196 12.62 -6.35 10.50
CA LEU B 196 12.31 -5.44 9.41
C LEU B 196 12.37 -4.01 9.91
N VAL B 197 13.14 -3.16 9.22
CA VAL B 197 13.22 -1.73 9.52
C VAL B 197 12.81 -0.98 8.26
N ILE B 198 11.80 -0.13 8.38
CA ILE B 198 11.41 0.75 7.29
C ILE B 198 11.54 2.18 7.76
N ALA B 199 12.33 2.98 7.04
CA ALA B 199 12.36 4.42 7.25
C ALA B 199 11.47 5.07 6.22
N PHE B 200 10.56 5.94 6.66
CA PHE B 200 9.58 6.56 5.77
C PHE B 200 9.85 8.05 5.66
N VAL B 201 9.83 8.57 4.44
CA VAL B 201 9.98 10.00 4.20
C VAL B 201 8.89 10.39 3.20
N PHE B 202 8.56 11.68 3.15
CA PHE B 202 7.29 12.07 2.54
C PHE B 202 7.43 13.32 1.67
N GLU B 203 6.50 13.45 0.73
CA GLU B 203 6.21 14.67 0.00
C GLU B 203 4.69 14.66 -0.21
N VAL B 204 4.13 15.73 -0.79
CA VAL B 204 2.71 15.72 -1.13
C VAL B 204 2.55 15.37 -2.59
N SER B 205 1.51 14.61 -2.88
CA SER B 205 1.23 14.33 -4.26
C SER B 205 0.73 15.60 -4.95
N THR B 206 1.00 15.68 -6.23
CA THR B 206 0.52 16.78 -7.00
C THR B 206 -0.42 16.18 -8.02
N SER B 207 -0.31 14.86 -8.24
CA SER B 207 -1.12 14.17 -9.25
C SER B 207 -2.60 14.08 -9.02
N GLU B 208 -3.38 14.21 -10.09
CA GLU B 208 -4.81 13.98 -9.99
C GLU B 208 -5.07 12.54 -9.63
N HIS B 209 -4.29 11.63 -10.20
CA HIS B 209 -4.49 10.20 -9.98
C HIS B 209 -4.28 9.75 -8.55
N GLY B 210 -3.27 10.29 -7.87
CA GLY B 210 -3.12 9.95 -6.47
C GLY B 210 -1.74 9.77 -5.90
N ALA B 211 -1.68 9.16 -4.74
CA ALA B 211 -0.41 8.92 -4.08
C ALA B 211 0.51 7.95 -4.78
N GLN B 212 1.80 8.19 -4.67
CA GLN B 212 2.76 7.27 -5.22
C GLN B 212 3.84 6.98 -4.22
N HIS B 213 4.65 5.95 -4.47
CA HIS B 213 5.80 5.69 -3.62
C HIS B 213 6.97 5.16 -4.45
N HIS B 214 8.17 5.48 -3.98
CA HIS B 214 9.40 4.89 -4.47
C HIS B 214 9.91 4.01 -3.31
N VAL B 215 10.45 2.81 -3.60
CA VAL B 215 10.96 1.88 -2.57
C VAL B 215 12.45 1.61 -2.82
N TYR B 216 13.26 1.69 -1.75
CA TYR B 216 14.70 1.50 -1.86
C TYR B 216 15.22 0.57 -0.77
N LYS B 217 16.30 -0.14 -1.11
CA LYS B 217 17.03 -0.95 -0.14
C LYS B 217 18.08 -0.06 0.52
N LEU B 218 18.15 -0.09 1.86
CA LEU B 218 19.18 0.67 2.55
C LEU B 218 20.46 -0.14 2.69
N VAL B 219 21.56 0.46 2.25
CA VAL B 219 22.86 -0.18 2.21
C VAL B 219 23.85 0.63 3.05
N LYS B 220 25.02 0.00 3.31
CA LYS B 220 26.17 0.64 4.00
C LYS B 220 27.44 0.05 3.39
N ASP B 221 27.78 0.49 2.18
CA ASP B 221 28.87 -0.09 1.38
C ASP B 221 30.08 -0.51 2.20
N SER C 1 8.51 11.54 -8.48
CA SER C 1 9.58 12.35 -9.09
C SER C 1 10.72 12.78 -8.17
N GLN C 2 11.97 12.72 -8.67
CA GLN C 2 13.16 13.06 -7.86
C GLN C 2 14.25 13.71 -8.71
N ASP C 3 14.45 15.03 -8.53
CA ASP C 3 15.36 15.84 -9.34
C ASP C 3 16.67 16.04 -8.62
N ARG C 4 17.66 15.22 -8.97
CA ARG C 4 18.99 15.28 -8.40
C ARG C 4 19.94 15.92 -9.41
N THR C 5 20.85 16.76 -8.91
CA THR C 5 21.91 17.30 -9.75
C THR C 5 22.69 16.15 -10.36
N ILE C 6 22.92 16.23 -11.68
CA ILE C 6 23.79 15.32 -12.40
C ILE C 6 25.12 16.03 -12.60
N ALA C 7 26.19 15.48 -12.02
CA ALA C 7 27.49 16.14 -12.16
C ALA C 7 28.62 15.12 -12.00
N SER C 8 29.63 15.22 -12.88
CA SER C 8 30.90 14.51 -12.68
C SER C 8 31.82 15.42 -11.87
N SER C 9 33.11 15.10 -11.78
CA SER C 9 33.98 16.09 -11.16
C SER C 9 34.35 17.19 -12.14
N ARG C 10 34.07 16.99 -13.42
CA ARG C 10 34.48 17.92 -14.45
C ARG C 10 33.34 18.66 -15.11
N LEU C 11 32.11 18.13 -15.05
CA LEU C 11 31.02 18.72 -15.82
C LEU C 11 29.68 18.51 -15.12
N ARG C 12 28.82 19.50 -15.24
CA ARG C 12 27.51 19.46 -14.63
C ARG C 12 26.47 19.65 -15.73
N LEU C 13 25.37 18.89 -15.64
CA LEU C 13 24.25 19.02 -16.55
C LEU C 13 23.26 19.99 -15.95
N LEU C 14 23.08 21.15 -16.58
CA LEU C 14 22.09 22.08 -16.06
C LEU C 14 20.70 21.80 -16.65
N GLU C 15 20.63 21.43 -17.93
CA GLU C 15 19.32 21.27 -18.55
C GLU C 15 19.36 20.23 -19.67
N TYR C 16 18.29 19.45 -19.74
CA TYR C 16 17.99 18.63 -20.91
C TYR C 16 16.50 18.79 -21.18
N SER C 17 16.14 19.20 -22.39
CA SER C 17 14.73 19.28 -22.76
C SER C 17 14.54 18.72 -24.16
N ALA C 18 13.45 17.99 -24.34
CA ALA C 18 13.00 17.58 -25.67
C ALA C 18 11.57 18.08 -25.81
N PHE C 19 11.26 18.73 -26.93
CA PHE C 19 10.02 19.46 -26.96
C PHE C 19 9.56 19.65 -28.39
N MET C 20 8.30 20.01 -28.53
CA MET C 20 7.75 20.51 -29.78
C MET C 20 7.13 21.88 -29.54
N GLU C 21 7.48 22.82 -30.42
CA GLU C 21 6.96 24.19 -30.42
C GLU C 21 5.97 24.30 -31.56
N VAL C 22 4.81 24.88 -31.30
CA VAL C 22 3.83 25.08 -32.35
C VAL C 22 3.30 26.49 -32.19
N GLN C 23 2.97 27.10 -33.31
CA GLN C 23 2.33 28.42 -33.32
C GLN C 23 0.87 28.18 -33.68
N ARG C 24 -0.03 28.33 -32.70
CA ARG C 24 -1.45 28.07 -32.94
C ARG C 24 -2.04 29.08 -33.92
N ASP C 25 -2.11 30.34 -33.49
CA ASP C 25 -2.54 31.53 -34.21
C ASP C 25 -1.34 32.45 -34.34
N PRO C 26 -1.14 33.11 -35.51
CA PRO C 26 -0.11 34.16 -35.60
C PRO C 26 -0.08 35.05 -34.37
N ASP C 27 1.09 35.12 -33.72
CA ASP C 27 1.34 35.80 -32.44
C ASP C 27 0.81 35.02 -31.23
N THR C 28 0.59 33.70 -31.36
CA THR C 28 0.30 32.82 -30.24
C THR C 28 1.13 31.55 -30.36
N TYR C 29 1.90 31.23 -29.33
CA TYR C 29 2.89 30.17 -29.40
C TYR C 29 2.80 29.29 -28.17
N SER C 30 2.89 27.99 -28.38
CA SER C 30 2.91 27.05 -27.28
C SER C 30 4.15 26.18 -27.39
N LYS C 31 4.51 25.61 -26.25
CA LYS C 31 5.65 24.71 -26.15
C LYS C 31 5.23 23.50 -25.33
N HIS C 32 5.33 22.31 -25.90
CA HIS C 32 5.08 21.09 -25.15
C HIS C 32 6.40 20.38 -24.90
N LEU C 33 6.63 20.00 -23.65
CA LEU C 33 7.86 19.31 -23.26
C LEU C 33 7.56 17.83 -23.16
N PHE C 34 8.29 17.01 -23.92
CA PHE C 34 8.18 15.58 -23.79
C PHE C 34 8.87 15.09 -22.53
N VAL C 35 10.14 15.46 -22.35
CA VAL C 35 10.93 15.17 -21.17
C VAL C 35 11.71 16.44 -20.81
N HIS C 36 12.03 16.59 -19.54
CA HIS C 36 12.83 17.74 -19.13
C HIS C 36 13.53 17.64 -17.84
N ILE C 37 14.85 17.68 -17.86
CA ILE C 37 15.53 17.77 -16.61
C ILE C 37 16.08 19.14 -16.64
N GLY C 38 15.66 19.98 -15.72
CA GLY C 38 16.09 21.35 -15.72
C GLY C 38 16.12 22.00 -14.37
N GLN C 39 17.17 22.73 -14.07
CA GLN C 39 17.32 23.34 -12.75
C GLN C 39 17.51 24.84 -12.78
N THR C 40 16.79 25.56 -11.92
CA THR C 40 16.88 27.03 -11.88
C THR C 40 18.25 27.65 -11.50
N ASN C 41 18.96 27.08 -10.52
CA ASN C 41 20.23 27.67 -10.09
C ASN C 41 21.42 26.81 -10.41
N PRO C 42 22.43 27.40 -11.04
CA PRO C 42 23.66 26.66 -11.36
C PRO C 42 24.27 26.26 -10.07
N ALA C 43 24.22 27.13 -9.10
CA ALA C 43 24.74 26.81 -7.79
C ALA C 43 24.01 25.66 -7.11
N PHE C 44 22.68 25.61 -7.22
CA PHE C 44 21.95 24.58 -6.49
C PHE C 44 22.61 23.20 -6.56
N SER C 45 22.68 22.48 -5.44
CA SER C 45 23.26 21.14 -5.47
C SER C 45 22.42 20.11 -4.76
N ASP C 46 22.26 18.96 -5.38
CA ASP C 46 21.44 17.88 -4.83
C ASP C 46 21.88 16.58 -5.49
N PRO C 47 23.13 16.17 -5.26
CA PRO C 47 23.64 14.95 -5.90
C PRO C 47 22.80 13.76 -5.46
N PRO C 48 22.64 12.76 -6.32
CA PRO C 48 21.72 11.67 -6.02
C PRO C 48 22.21 10.74 -4.91
N LEU C 49 21.32 10.49 -3.94
CA LEU C 49 21.49 9.46 -2.91
C LEU C 49 21.11 8.08 -3.41
N GLU C 50 20.41 8.02 -4.53
CA GLU C 50 19.77 6.84 -5.06
C GLU C 50 20.71 6.19 -6.09
N ALA C 51 21.09 4.94 -5.85
CA ALA C 51 22.05 4.20 -6.70
C ALA C 51 21.37 3.04 -7.44
N VAL C 52 21.87 2.74 -8.64
CA VAL C 52 21.47 1.57 -9.43
C VAL C 52 22.74 0.88 -9.92
N ASP C 53 22.72 -0.44 -10.00
CA ASP C 53 23.87 -1.18 -10.49
C ASP C 53 23.88 -1.18 -12.01
N VAL C 54 24.98 -0.73 -12.59
CA VAL C 54 25.06 -0.57 -14.05
C VAL C 54 24.69 -1.87 -14.77
N ARG C 55 25.01 -3.02 -14.17
CA ARG C 55 24.73 -4.29 -14.82
C ARG C 55 23.23 -4.50 -15.01
N GLN C 56 22.41 -3.95 -14.11
CA GLN C 56 20.96 -4.12 -14.24
C GLN C 56 20.41 -3.45 -15.49
N ILE C 57 21.15 -2.53 -16.10
CA ILE C 57 20.70 -1.89 -17.31
C ILE C 57 21.63 -2.18 -18.49
N TYR C 58 22.50 -3.19 -18.34
CA TYR C 58 23.37 -3.60 -19.44
C TYR C 58 22.56 -4.08 -20.64
N ASP C 59 21.52 -4.89 -20.41
CA ASP C 59 20.76 -5.41 -21.54
C ASP C 59 20.03 -4.29 -22.28
N LYS C 60 19.67 -3.19 -21.60
CA LYS C 60 18.85 -2.13 -22.18
C LYS C 60 19.63 -1.24 -23.15
N PHE C 61 20.94 -1.36 -23.13
CA PHE C 61 21.78 -0.58 -24.00
C PHE C 61 22.69 -1.54 -24.76
N PRO C 62 22.98 -1.27 -26.04
CA PRO C 62 23.64 -2.27 -26.89
C PRO C 62 25.09 -2.49 -26.47
N GLU C 63 25.36 -3.68 -25.93
CA GLU C 63 26.63 -3.97 -25.28
C GLU C 63 27.62 -4.47 -26.31
N LYS C 64 28.36 -3.53 -26.88
CA LYS C 64 29.37 -3.85 -27.88
C LYS C 64 30.65 -3.13 -27.46
N LYS C 65 31.64 -3.14 -28.34
CA LYS C 65 32.73 -2.20 -28.17
C LYS C 65 32.13 -0.80 -28.29
N GLY C 66 32.60 0.11 -27.41
CA GLY C 66 31.96 1.39 -27.25
C GLY C 66 30.70 1.35 -26.41
N GLY C 67 30.36 0.17 -25.84
CA GLY C 67 29.15 0.03 -25.06
C GLY C 67 29.23 0.63 -23.67
N LEU C 68 28.12 0.52 -22.95
CA LEU C 68 28.03 1.07 -21.61
C LEU C 68 28.96 0.34 -20.64
N LYS C 69 29.09 -0.99 -20.80
CA LYS C 69 29.98 -1.76 -19.94
C LYS C 69 31.44 -1.38 -20.13
N GLU C 70 31.86 -1.18 -21.38
CA GLU C 70 33.23 -0.77 -21.65
C GLU C 70 33.49 0.64 -21.15
N LEU C 71 32.57 1.55 -21.45
CA LEU C 71 32.69 2.92 -20.95
C LEU C 71 32.72 2.94 -19.42
N TYR C 72 31.80 2.23 -18.77
CA TYR C 72 31.80 2.21 -17.32
C TYR C 72 33.10 1.62 -16.79
N GLU C 73 33.58 0.54 -17.39
CA GLU C 73 34.86 -0.02 -16.93
C GLU C 73 36.01 0.96 -17.16
N LYS C 74 35.94 1.73 -18.23
CA LYS C 74 36.97 2.74 -18.52
C LYS C 74 36.92 3.87 -17.52
N GLY C 75 35.75 4.15 -16.97
CA GLY C 75 35.62 5.18 -15.97
C GLY C 75 35.75 6.56 -16.57
N PRO C 76 35.76 7.59 -15.70
CA PRO C 76 35.57 7.54 -14.25
C PRO C 76 34.15 7.24 -13.81
N PRO C 77 34.02 6.41 -12.78
CA PRO C 77 32.68 5.98 -12.33
C PRO C 77 31.76 7.09 -11.84
N ASN C 78 32.33 8.20 -11.35
CA ASN C 78 31.47 9.29 -10.86
C ASN C 78 30.89 10.12 -11.98
N ALA C 79 31.10 9.74 -13.23
CA ALA C 79 30.50 10.45 -14.35
C ALA C 79 29.30 9.72 -14.94
N PHE C 80 28.83 8.65 -14.31
CA PHE C 80 27.82 7.77 -14.89
C PHE C 80 26.47 7.88 -14.18
N PHE C 81 25.44 8.27 -14.92
CA PHE C 81 24.13 8.56 -14.34
C PHE C 81 23.03 7.95 -15.21
N LEU C 82 21.99 7.47 -14.54
CA LEU C 82 20.79 6.90 -15.18
C LEU C 82 19.61 7.82 -14.92
N VAL C 83 18.85 8.14 -15.96
CA VAL C 83 17.64 8.93 -15.84
C VAL C 83 16.47 8.14 -16.39
N LYS C 84 15.44 7.96 -15.58
CA LYS C 84 14.19 7.35 -16.02
C LYS C 84 13.17 8.47 -16.20
N PHE C 85 12.75 8.68 -17.44
CA PHE C 85 11.74 9.67 -17.76
C PHE C 85 10.38 8.99 -17.83
N TRP C 86 9.34 9.72 -17.43
CA TRP C 86 7.94 9.43 -17.75
C TRP C 86 7.48 10.56 -18.67
N ALA C 87 7.50 10.32 -19.98
CA ALA C 87 7.29 11.41 -20.92
C ALA C 87 5.82 11.80 -20.99
N ASP C 88 5.56 13.07 -21.33
CA ASP C 88 4.22 13.57 -21.62
C ASP C 88 4.01 13.47 -23.12
N LEU C 89 3.02 12.68 -23.52
CA LEU C 89 2.72 12.55 -24.92
C LEU C 89 1.39 13.17 -25.30
N ASN C 90 0.94 14.17 -24.56
CA ASN C 90 -0.30 14.81 -24.89
C ASN C 90 -0.06 16.12 -25.60
N SER C 91 0.01 16.12 -26.92
CA SER C 91 0.35 17.37 -27.59
C SER C 91 -0.30 17.46 -28.93
N THR C 92 0.20 18.37 -29.75
CA THR C 92 -0.29 18.55 -31.12
C THR C 92 -1.73 18.93 -31.10
N ILE C 93 -2.24 19.22 -29.92
CA ILE C 93 -3.58 19.69 -29.90
C ILE C 93 -3.45 20.99 -30.62
N GLN C 94 -4.40 21.27 -31.51
CA GLN C 94 -4.39 22.52 -32.20
C GLN C 94 -3.03 22.65 -32.81
N GLU C 95 -2.52 21.58 -33.40
CA GLU C 95 -1.17 21.69 -33.88
C GLU C 95 -1.16 22.21 -35.26
N GLY C 96 -0.59 23.39 -35.41
CA GLY C 96 -0.42 23.94 -36.73
C GLY C 96 0.67 23.14 -37.40
N PRO C 97 0.60 23.00 -38.70
CA PRO C 97 1.72 22.36 -39.39
C PRO C 97 2.75 23.44 -39.21
N GLY C 98 4.03 23.13 -39.30
CA GLY C 98 5.04 24.12 -38.95
C GLY C 98 5.49 24.00 -37.51
N ALA C 99 5.05 22.94 -36.85
CA ALA C 99 5.53 22.67 -35.52
C ALA C 99 7.01 22.36 -35.54
N PHE C 100 7.73 22.76 -34.51
CA PHE C 100 9.16 22.44 -34.42
C PHE C 100 9.48 21.43 -33.34
N TYR C 101 10.30 20.44 -33.66
CA TYR C 101 10.75 19.47 -32.67
C TYR C 101 12.22 19.70 -32.40
N GLY C 102 12.59 19.82 -31.14
CA GLY C 102 13.93 20.25 -30.80
C GLY C 102 14.39 19.73 -29.47
N VAL C 103 15.70 19.75 -29.28
CA VAL C 103 16.29 19.39 -28.01
C VAL C 103 17.18 20.54 -27.56
N SER C 104 17.16 20.82 -26.27
CA SER C 104 17.98 21.85 -25.66
C SER C 104 18.73 21.25 -24.48
N SER C 105 20.03 21.53 -24.42
CA SER C 105 20.88 21.06 -23.35
C SER C 105 21.87 22.14 -22.92
N GLN C 106 22.18 22.16 -21.64
CA GLN C 106 23.19 23.06 -21.07
C GLN C 106 24.04 22.33 -20.06
N TYR C 107 25.32 22.70 -20.02
CA TYR C 107 26.29 22.12 -19.09
C TYR C 107 27.25 23.20 -18.60
N SER C 108 27.83 22.99 -17.41
CA SER C 108 28.77 23.95 -16.82
C SER C 108 29.99 23.21 -16.29
N SER C 109 31.13 23.92 -16.23
CA SER C 109 32.32 23.42 -15.54
C SER C 109 33.16 24.59 -15.03
N ALA C 110 34.14 24.27 -14.17
CA ALA C 110 35.10 25.28 -13.73
C ALA C 110 36.22 25.48 -14.74
N ASP C 111 36.45 24.49 -15.57
CA ASP C 111 37.41 24.47 -16.64
C ASP C 111 36.81 24.90 -17.97
N SER C 112 37.68 25.17 -18.93
CA SER C 112 37.34 25.57 -20.28
C SER C 112 37.97 24.57 -21.23
N MET C 113 37.15 23.87 -22.00
CA MET C 113 37.59 22.77 -22.84
C MET C 113 36.49 22.56 -23.85
N THR C 114 36.85 22.23 -25.07
CA THR C 114 35.82 21.90 -26.03
C THR C 114 35.31 20.49 -25.76
N ILE C 115 34.00 20.35 -25.65
CA ILE C 115 33.35 19.09 -25.35
C ILE C 115 32.73 18.51 -26.61
N SER C 116 32.75 17.18 -26.69
CA SER C 116 32.05 16.42 -27.73
C SER C 116 30.86 15.73 -27.08
N VAL C 117 29.65 16.07 -27.53
CA VAL C 117 28.42 15.47 -27.00
C VAL C 117 27.90 14.46 -28.02
N SER C 118 27.99 13.18 -27.67
CA SER C 118 27.43 12.09 -28.47
C SER C 118 26.10 11.63 -27.87
N THR C 119 25.04 11.71 -28.67
CA THR C 119 23.74 11.14 -28.35
C THR C 119 23.59 9.85 -29.16
N LYS C 120 23.16 8.77 -28.51
CA LYS C 120 23.01 7.50 -29.23
C LYS C 120 21.61 6.94 -28.99
N VAL C 121 20.77 7.00 -30.00
CA VAL C 121 19.40 6.52 -29.90
C VAL C 121 19.39 5.03 -30.21
N CYS C 122 19.11 4.23 -29.20
CA CYS C 122 19.00 2.80 -29.35
C CYS C 122 17.54 2.41 -29.38
N SER C 123 17.11 1.83 -30.50
CA SER C 123 15.73 1.41 -30.68
C SER C 123 15.74 0.02 -31.25
N PHE C 124 15.15 -0.92 -30.52
CA PHE C 124 14.91 -2.28 -31.02
C PHE C 124 16.20 -2.92 -31.54
N GLY C 125 17.26 -2.80 -30.74
CA GLY C 125 18.52 -3.43 -31.06
C GLY C 125 19.31 -2.76 -32.15
N LYS C 126 18.92 -1.57 -32.58
CA LYS C 126 19.70 -0.83 -33.56
C LYS C 126 19.97 0.60 -33.08
N GLN C 127 21.21 1.04 -33.32
CA GLN C 127 21.59 2.45 -33.23
C GLN C 127 20.94 3.16 -34.40
N VAL C 128 19.72 3.64 -34.20
CA VAL C 128 19.00 4.29 -35.27
C VAL C 128 19.63 5.64 -35.60
N VAL C 129 20.22 6.31 -34.59
CA VAL C 129 20.79 7.64 -34.74
C VAL C 129 22.04 7.77 -33.86
N GLU C 130 23.12 8.26 -34.45
CA GLU C 130 24.20 8.85 -33.68
C GLU C 130 24.30 10.29 -34.14
N LYS C 131 24.48 11.20 -33.18
CA LYS C 131 24.67 12.62 -33.46
C LYS C 131 25.75 13.14 -32.53
N VAL C 132 26.81 13.72 -33.11
CA VAL C 132 27.94 14.25 -32.35
C VAL C 132 28.00 15.75 -32.54
N GLU C 133 27.74 16.49 -31.47
CA GLU C 133 27.81 17.94 -31.43
C GLU C 133 29.10 18.34 -30.72
N THR C 134 29.82 19.31 -31.27
CA THR C 134 30.96 19.93 -30.60
C THR C 134 30.51 21.25 -29.99
N GLU C 135 30.84 21.47 -28.72
CA GLU C 135 30.39 22.68 -28.04
C GLU C 135 31.55 23.41 -27.37
N TYR C 136 31.56 24.74 -27.52
CA TYR C 136 32.64 25.58 -27.03
C TYR C 136 32.21 26.30 -25.76
N ALA C 137 33.16 26.47 -24.84
CA ALA C 137 32.84 27.10 -23.57
C ALA C 137 32.59 28.59 -23.74
N ARG C 138 31.69 29.13 -22.94
CA ARG C 138 31.37 30.54 -22.90
C ARG C 138 31.30 30.93 -21.42
N LEU C 139 32.11 31.89 -21.01
CA LEU C 139 32.25 32.17 -19.58
C LEU C 139 31.12 33.09 -19.11
N GLU C 140 30.48 32.72 -18.00
CA GLU C 140 29.27 33.38 -17.55
C GLU C 140 29.14 33.19 -16.05
N ASN C 141 28.93 34.30 -15.34
CA ASN C 141 28.72 34.31 -13.89
C ASN C 141 29.76 33.44 -13.18
N GLY C 142 31.01 33.52 -13.64
CA GLY C 142 32.07 32.79 -13.00
C GLY C 142 32.18 31.32 -13.35
N ARG C 143 31.26 30.81 -14.17
CA ARG C 143 31.30 29.44 -14.65
C ARG C 143 31.49 29.43 -16.16
N PHE C 144 32.00 28.31 -16.68
CA PHE C 144 31.98 28.06 -18.12
C PHE C 144 30.71 27.28 -18.49
N VAL C 145 29.97 27.80 -19.47
CA VAL C 145 28.63 27.31 -19.79
C VAL C 145 28.60 26.84 -21.23
N TYR C 146 28.13 25.60 -21.44
CA TYR C 146 28.01 24.96 -22.73
C TYR C 146 26.52 24.85 -23.06
N ARG C 147 26.12 25.38 -24.21
CA ARG C 147 24.72 25.46 -24.57
C ARG C 147 24.49 24.86 -25.94
N ILE C 148 23.46 24.01 -26.04
CA ILE C 148 22.92 23.55 -27.31
C ILE C 148 21.46 23.96 -27.31
N HIS C 149 21.11 24.88 -28.19
CA HIS C 149 19.80 25.51 -28.17
C HIS C 149 19.05 25.12 -29.43
N ARG C 150 17.84 24.58 -29.26
CA ARG C 150 16.94 24.30 -30.36
C ARG C 150 17.61 23.46 -31.45
N SER C 151 18.19 22.34 -31.04
CA SER C 151 18.80 21.46 -32.03
C SER C 151 17.72 20.56 -32.63
N PRO C 152 17.52 20.60 -33.95
CA PRO C 152 16.35 19.93 -34.54
C PRO C 152 16.40 18.42 -34.35
N MET C 153 15.22 17.85 -34.18
CA MET C 153 15.11 16.42 -33.95
C MET C 153 15.31 15.70 -35.26
N CYS C 154 15.94 14.53 -35.21
CA CYS C 154 16.01 13.73 -36.41
C CYS C 154 14.63 13.17 -36.76
N GLU C 155 14.41 12.94 -38.05
CA GLU C 155 13.10 12.47 -38.50
C GLU C 155 12.73 11.17 -37.81
N TYR C 156 13.72 10.40 -37.36
CA TYR C 156 13.44 9.16 -36.66
C TYR C 156 12.60 9.44 -35.43
N MET C 157 13.09 10.34 -34.57
CA MET C 157 12.39 10.59 -33.32
C MET C 157 11.06 11.30 -33.53
N ILE C 158 10.96 12.19 -34.52
CA ILE C 158 9.63 12.74 -34.81
C ILE C 158 8.68 11.61 -35.15
N ASN C 159 9.15 10.66 -35.94
CA ASN C 159 8.36 9.49 -36.34
C ASN C 159 8.07 8.60 -35.14
N PHE C 160 9.10 8.32 -34.34
CA PHE C 160 8.93 7.51 -33.15
C PHE C 160 7.84 8.08 -32.26
N ILE C 161 7.81 9.40 -32.09
CA ILE C 161 6.85 10.02 -31.18
C ILE C 161 5.42 9.82 -31.69
N HIS C 162 5.17 10.01 -32.99
CA HIS C 162 3.79 9.92 -33.48
C HIS C 162 3.30 8.48 -33.58
N LYS C 163 4.19 7.52 -33.81
CA LYS C 163 3.74 6.13 -33.76
C LYS C 163 3.38 5.73 -32.35
N LEU C 164 4.07 6.28 -31.35
CA LEU C 164 3.62 6.05 -29.99
C LEU C 164 2.23 6.63 -29.77
N LYS C 165 1.95 7.77 -30.35
CA LYS C 165 0.68 8.40 -30.09
C LYS C 165 -0.48 7.69 -30.76
N HIS C 166 -0.21 6.98 -31.84
CA HIS C 166 -1.27 6.22 -32.50
C HIS C 166 -1.70 5.02 -31.66
N LEU C 167 -0.84 4.52 -30.79
CA LEU C 167 -1.20 3.36 -29.99
C LEU C 167 -2.44 3.67 -29.14
N PRO C 168 -3.38 2.73 -29.03
CA PRO C 168 -4.65 3.05 -28.34
C PRO C 168 -4.54 3.07 -26.83
N GLU C 169 -3.53 2.44 -26.24
CA GLU C 169 -3.46 2.34 -24.78
C GLU C 169 -2.06 2.69 -24.31
N LYS C 170 -1.97 3.30 -23.12
CA LYS C 170 -0.69 3.73 -22.60
C LYS C 170 0.24 2.53 -22.37
N TYR C 171 -0.32 1.38 -21.99
CA TYR C 171 0.52 0.22 -21.68
C TYR C 171 1.17 -0.34 -22.95
N MET C 172 0.57 -0.09 -24.11
CA MET C 172 1.22 -0.46 -25.37
C MET C 172 2.41 0.47 -25.65
N MET C 173 2.24 1.76 -25.36
CA MET C 173 3.36 2.69 -25.41
C MET C 173 4.49 2.22 -24.52
N ASN C 174 4.19 1.79 -23.29
CA ASN C 174 5.21 1.29 -22.39
C ASN C 174 5.96 0.09 -22.97
N SER C 175 5.26 -0.80 -23.71
CA SER C 175 5.97 -1.95 -24.29
C SER C 175 6.94 -1.53 -25.38
N VAL C 176 6.60 -0.51 -26.15
CA VAL C 176 7.56 0.02 -27.11
C VAL C 176 8.75 0.63 -26.39
N LEU C 177 8.48 1.39 -25.33
CA LEU C 177 9.53 2.18 -24.67
C LEU C 177 10.53 1.31 -23.92
N GLU C 178 10.12 0.11 -23.48
CA GLU C 178 11.10 -0.82 -22.92
C GLU C 178 12.22 -1.07 -23.91
N ASN C 179 11.92 -1.00 -25.19
CA ASN C 179 12.90 -1.29 -26.22
C ASN C 179 13.59 -0.03 -26.74
N PHE C 180 13.44 1.09 -26.04
CA PHE C 180 13.89 2.41 -26.49
C PHE C 180 14.73 3.06 -25.39
N THR C 181 15.95 3.49 -25.74
CA THR C 181 16.81 4.17 -24.79
C THR C 181 17.69 5.21 -25.50
N ILE C 182 18.24 6.12 -24.71
CA ILE C 182 19.21 7.07 -25.21
C ILE C 182 20.43 7.05 -24.29
N LEU C 183 21.60 7.06 -24.91
CA LEU C 183 22.89 7.14 -24.23
C LEU C 183 23.56 8.43 -24.68
N GLN C 184 23.83 9.31 -23.74
CA GLN C 184 24.59 10.52 -24.00
C GLN C 184 25.98 10.41 -23.39
N VAL C 185 27.01 10.52 -24.24
CA VAL C 185 28.39 10.49 -23.78
C VAL C 185 29.03 11.83 -24.11
N VAL C 186 29.53 12.51 -23.09
CA VAL C 186 30.21 13.80 -23.24
C VAL C 186 31.70 13.61 -22.96
N THR C 187 32.54 13.99 -23.93
CA THR C 187 33.98 13.82 -23.79
C THR C 187 34.68 15.15 -24.01
N SER C 188 35.86 15.29 -23.41
CA SER C 188 36.79 16.36 -23.78
C SER C 188 37.31 16.09 -25.18
N ARG C 189 37.10 17.03 -26.11
CA ARG C 189 37.31 16.71 -27.52
C ARG C 189 38.75 16.26 -27.80
N ASP C 190 39.73 17.02 -27.33
CA ASP C 190 41.11 16.62 -27.56
C ASP C 190 41.50 15.47 -26.63
N SER C 191 41.19 15.63 -25.35
CA SER C 191 41.60 14.67 -24.33
C SER C 191 41.01 13.28 -24.54
N GLN C 192 39.90 13.17 -25.26
CA GLN C 192 39.11 11.95 -25.41
C GLN C 192 38.55 11.44 -24.08
N GLU C 193 38.74 12.16 -22.97
CA GLU C 193 38.30 11.73 -21.66
C GLU C 193 36.78 11.80 -21.52
N THR C 194 36.24 10.90 -20.72
CA THR C 194 34.81 10.85 -20.48
C THR C 194 34.43 11.89 -19.43
N LEU C 195 33.64 12.90 -19.83
CA LEU C 195 33.20 13.90 -18.88
C LEU C 195 31.90 13.51 -18.20
N LEU C 196 30.98 12.91 -18.93
CA LEU C 196 29.64 12.66 -18.41
C LEU C 196 28.95 11.64 -19.30
N VAL C 197 28.15 10.79 -18.67
CA VAL C 197 27.42 9.72 -19.34
C VAL C 197 26.05 9.64 -18.70
N ILE C 198 25.01 9.83 -19.51
CA ILE C 198 23.64 9.69 -19.03
C ILE C 198 22.99 8.61 -19.86
N ALA C 199 22.61 7.50 -19.20
CA ALA C 199 21.71 6.49 -19.75
C ALA C 199 20.26 6.86 -19.44
N PHE C 200 19.43 6.95 -20.49
CA PHE C 200 18.02 7.34 -20.37
C PHE C 200 17.11 6.15 -20.66
N VAL C 201 16.26 5.80 -19.71
CA VAL C 201 15.20 4.82 -19.97
C VAL C 201 13.87 5.56 -19.86
N PHE C 202 12.87 5.05 -20.56
CA PHE C 202 11.62 5.77 -20.66
C PHE C 202 10.33 5.04 -20.47
N GLU C 203 9.36 5.71 -19.87
CA GLU C 203 8.04 5.16 -19.75
C GLU C 203 7.07 6.30 -20.02
N VAL C 204 5.88 6.01 -20.51
CA VAL C 204 4.87 7.04 -20.65
C VAL C 204 4.32 7.43 -19.30
N SER C 205 4.04 8.70 -19.07
CA SER C 205 3.42 9.05 -17.81
C SER C 205 1.97 8.62 -17.73
N THR C 206 1.56 8.08 -16.61
CA THR C 206 0.16 7.74 -16.41
C THR C 206 -0.71 8.98 -16.41
N SER C 207 -0.26 10.03 -15.77
CA SER C 207 -1.10 11.23 -15.64
C SER C 207 -1.14 12.09 -16.87
N GLU C 208 -2.28 12.71 -17.13
CA GLU C 208 -2.33 13.61 -18.25
C GLU C 208 -1.48 14.84 -17.95
N HIS C 209 -0.71 15.26 -18.93
CA HIS C 209 0.14 16.44 -18.78
C HIS C 209 1.11 16.32 -17.61
N GLY C 210 1.65 15.14 -17.39
CA GLY C 210 2.65 14.99 -16.36
C GLY C 210 3.92 14.43 -16.90
N ALA C 211 5.03 15.07 -16.64
CA ALA C 211 6.29 14.51 -17.02
C ALA C 211 7.06 14.37 -15.75
N GLN C 212 7.62 13.20 -15.53
CA GLN C 212 8.31 12.96 -14.30
C GLN C 212 9.61 12.31 -14.58
N HIS C 213 10.55 12.52 -13.69
CA HIS C 213 11.81 11.84 -13.86
C HIS C 213 12.48 11.44 -12.58
N HIS C 214 13.20 10.34 -12.63
CA HIS C 214 13.99 9.88 -11.49
C HIS C 214 15.46 9.95 -11.92
N VAL C 215 16.34 10.33 -11.00
CA VAL C 215 17.77 10.47 -11.30
C VAL C 215 18.55 9.51 -10.42
N TYR C 216 19.40 8.68 -11.01
CA TYR C 216 20.17 7.71 -10.24
C TYR C 216 21.65 7.82 -10.58
N LYS C 217 22.50 7.49 -9.62
CA LYS C 217 23.93 7.36 -9.81
C LYS C 217 24.25 5.91 -10.09
N LEU C 218 24.95 5.64 -11.20
CA LEU C 218 25.22 4.27 -11.60
C LEU C 218 26.43 3.72 -10.84
N VAL C 219 26.24 2.58 -10.18
CA VAL C 219 27.29 1.98 -9.36
C VAL C 219 27.55 0.57 -9.85
N LYS C 220 28.58 -0.05 -9.28
CA LYS C 220 28.98 -1.39 -9.66
C LYS C 220 29.48 -2.11 -8.42
N ASP C 221 28.55 -2.43 -7.54
CA ASP C 221 28.88 -3.23 -6.37
C ASP C 221 29.11 -4.67 -6.83
#